data_3VPB
#
_entry.id   3VPB
#
_cell.length_a   70.546
_cell.length_b   113.988
_cell.length_c   78.582
_cell.angle_alpha   90.00
_cell.angle_beta   102.43
_cell.angle_gamma   90.00
#
_symmetry.space_group_name_H-M   'P 1 21 1'
#
loop_
_entity.id
_entity.type
_entity.pdbx_description
1 polymer 'Putative acetylornithine deacetylase'
2 polymer 'Alpha-aminoadipate carrier protein lysW'
3 non-polymer "ADENOSINE-5'-DIPHOSPHATE"
4 non-polymer 'GLUTAMIC ACID'
5 non-polymer 'MAGNESIUM ION'
6 non-polymer 'ZINC ION'
7 non-polymer 'SULFATE ION'
8 water water
#
loop_
_entity_poly.entity_id
_entity_poly.type
_entity_poly.pdbx_seq_one_letter_code
_entity_poly.pdbx_strand_id
1 'polypeptide(L)'
;MRVVLIVDIVRQEEKLIAKALEENKVQYDIINVAQEPLPFNKALGRYDVAIIRPVSMYRALYSSAVLEAAGVHTINSSDV
INVCGDKILTYSKLYREGIPIPDSIIALSAEAALKAYEQRGFPLIDKPPIGSWGRLVSLIRDVFEGKTIIEHRELMGNSA
LKAHIVQEYIQYKGRDIRCIAIGEELLGCYARNIPPNEWRANVALGGTPSNIEVDEKLKETVVKAVSIVHGEFVSIDILE
HPNKGYVVNELNDVPEFKGFMVATNINVAQKLVEYIKENYSK
;
A,B,C,D
2 'polypeptide(L)' MVVLKCPVCNGDVNVPDDALPGEIVEHECGAQLEVYNDHGRLALRLAEQVGEDWGE E,F
#
# COMPACT_ATOMS: atom_id res chain seq x y z
N MET A 1 -5.68 12.40 -42.33
CA MET A 1 -5.95 11.96 -40.94
C MET A 1 -4.61 11.73 -40.26
N ARG A 2 -4.50 12.19 -39.02
CA ARG A 2 -3.33 11.91 -38.23
C ARG A 2 -3.81 11.16 -37.00
N VAL A 3 -3.12 10.07 -36.69
CA VAL A 3 -3.49 9.20 -35.57
C VAL A 3 -2.34 9.21 -34.58
N VAL A 4 -2.67 9.21 -33.29
CA VAL A 4 -1.65 8.98 -32.30
C VAL A 4 -1.98 7.69 -31.56
N LEU A 5 -0.96 6.85 -31.40
CA LEU A 5 -1.06 5.60 -30.69
C LEU A 5 -0.43 5.84 -29.32
N ILE A 6 -1.24 5.73 -28.27
CA ILE A 6 -0.82 6.04 -26.93
C ILE A 6 -0.46 4.75 -26.20
N VAL A 7 0.78 4.63 -25.69
CA VAL A 7 1.21 3.34 -25.14
C VAL A 7 1.98 3.53 -23.81
N ASP A 8 2.13 2.45 -23.04
CA ASP A 8 3.13 2.44 -21.95
C ASP A 8 4.07 1.25 -22.08
N ILE A 9 3.48 0.07 -22.06
CA ILE A 9 4.20 -1.15 -22.39
C ILE A 9 3.73 -1.55 -23.76
N VAL A 10 4.67 -1.82 -24.66
CA VAL A 10 4.33 -2.21 -26.02
C VAL A 10 4.25 -3.75 -26.13
N ARG A 11 3.03 -4.29 -26.14
CA ARG A 11 2.85 -5.74 -26.28
C ARG A 11 2.64 -6.07 -27.73
N GLN A 12 2.48 -7.36 -28.02
CA GLN A 12 2.26 -7.75 -29.41
C GLN A 12 1.06 -6.98 -29.99
N GLU A 13 0.05 -6.68 -29.16
CA GLU A 13 -1.13 -6.00 -29.74
C GLU A 13 -0.76 -4.62 -30.25
N GLU A 14 0.01 -3.88 -29.48
CA GLU A 14 0.43 -2.53 -29.87
C GLU A 14 1.30 -2.57 -31.13
N LYS A 15 2.18 -3.57 -31.20
CA LYS A 15 3.04 -3.75 -32.38
C LYS A 15 2.20 -4.01 -33.63
N LEU A 16 1.19 -4.88 -33.51
CA LEU A 16 0.28 -5.17 -34.63
C LEU A 16 -0.57 -3.98 -35.04
N ILE A 17 -0.96 -3.14 -34.07
CA ILE A 17 -1.71 -1.94 -34.43
C ILE A 17 -0.79 -0.96 -35.17
N ALA A 18 0.45 -0.80 -34.71
CA ALA A 18 1.39 0.10 -35.39
C ALA A 18 1.68 -0.40 -36.80
N LYS A 19 1.82 -1.72 -36.94
CA LYS A 19 2.07 -2.33 -38.25
C LYS A 19 0.88 -2.10 -39.18
N ALA A 20 -0.33 -2.25 -38.66
CA ALA A 20 -1.54 -2.01 -39.48
C ALA A 20 -1.67 -0.55 -39.90
N LEU A 21 -1.27 0.37 -39.02
CA LEU A 21 -1.31 1.80 -39.37
C LEU A 21 -0.34 2.05 -40.52
N GLU A 22 0.88 1.52 -40.40
CA GLU A 22 1.89 1.56 -41.47
C GLU A 22 1.40 0.98 -42.81
N GLU A 23 0.86 -0.24 -42.78
CA GLU A 23 0.48 -0.95 -44.01
C GLU A 23 -0.72 -0.33 -44.73
N ASN A 24 -1.57 0.36 -43.98
CA ASN A 24 -2.71 1.05 -44.55
C ASN A 24 -2.40 2.52 -44.85
N LYS A 25 -1.13 2.89 -44.75
CA LYS A 25 -0.62 4.23 -45.11
C LYS A 25 -1.31 5.34 -44.30
N VAL A 26 -1.49 5.09 -43.01
CA VAL A 26 -2.03 6.12 -42.11
C VAL A 26 -0.86 6.84 -41.45
N GLN A 27 -0.85 8.18 -41.47
CA GLN A 27 0.16 8.92 -40.73
C GLN A 27 -0.14 8.77 -39.25
N TYR A 28 0.87 8.38 -38.47
CA TYR A 28 0.69 8.19 -37.05
C TYR A 28 1.98 8.47 -36.29
N ASP A 29 1.83 8.89 -35.04
CA ASP A 29 2.93 9.02 -34.11
C ASP A 29 2.61 8.09 -32.95
N ILE A 30 3.64 7.73 -32.19
CA ILE A 30 3.44 6.94 -30.97
C ILE A 30 3.86 7.88 -29.85
N ILE A 31 3.02 8.05 -28.85
CA ILE A 31 3.45 8.68 -27.61
C ILE A 31 3.46 7.67 -26.46
N ASN A 32 4.60 7.56 -25.79
CA ASN A 32 4.69 6.67 -24.63
C ASN A 32 4.41 7.54 -23.38
N VAL A 33 3.22 7.37 -22.82
CA VAL A 33 2.80 8.15 -21.62
C VAL A 33 3.39 7.66 -20.30
N ALA A 34 4.21 6.61 -20.35
CA ALA A 34 5.07 6.31 -19.20
C ALA A 34 6.38 7.12 -19.26
N GLN A 35 6.58 7.84 -20.36
CA GLN A 35 7.80 8.60 -20.56
C GLN A 35 7.55 10.11 -20.79
N GLU A 36 6.47 10.46 -21.46
CA GLU A 36 6.23 11.86 -21.84
C GLU A 36 5.03 12.44 -21.10
N PRO A 37 5.19 13.66 -20.54
CA PRO A 37 4.03 14.30 -19.94
C PRO A 37 3.10 14.83 -21.03
N LEU A 38 1.82 15.01 -20.67
CA LEU A 38 0.79 15.51 -21.60
C LEU A 38 0.18 16.82 -21.10
N PRO A 39 0.33 17.91 -21.87
CA PRO A 39 -0.19 19.22 -21.49
C PRO A 39 -1.70 19.37 -21.73
N PHE A 40 -2.39 20.07 -20.81
CA PHE A 40 -3.76 20.49 -21.03
C PHE A 40 -3.68 21.77 -21.85
N ASN A 41 -3.60 21.60 -23.15
CA ASN A 41 -3.66 22.74 -24.07
C ASN A 41 -3.99 22.19 -25.46
N LYS A 42 -3.95 23.06 -26.45
CA LYS A 42 -4.47 22.70 -27.77
C LYS A 42 -3.45 22.03 -28.70
N ALA A 43 -2.22 21.87 -28.22
CA ALA A 43 -1.11 21.28 -29.00
C ALA A 43 -1.42 19.89 -29.54
N LEU A 44 -2.05 19.05 -28.72
CA LEU A 44 -2.36 17.68 -29.13
C LEU A 44 -3.44 17.62 -30.19
N GLY A 45 -4.10 18.76 -30.41
CA GLY A 45 -5.19 18.85 -31.39
C GLY A 45 -4.74 18.63 -32.83
N ARG A 46 -3.44 18.42 -33.01
CA ARG A 46 -2.91 18.08 -34.33
C ARG A 46 -3.32 16.67 -34.75
N TYR A 47 -3.70 15.85 -33.76
CA TYR A 47 -4.22 14.52 -34.01
C TYR A 47 -5.71 14.50 -34.18
N ASP A 48 -6.16 13.69 -35.13
CA ASP A 48 -7.57 13.51 -35.37
C ASP A 48 -8.16 12.43 -34.49
N VAL A 49 -7.38 11.37 -34.25
CA VAL A 49 -7.87 10.20 -33.52
C VAL A 49 -6.70 9.66 -32.68
N ALA A 50 -6.99 9.27 -31.45
CA ALA A 50 -6.00 8.60 -30.62
C ALA A 50 -6.50 7.19 -30.34
N ILE A 51 -5.60 6.21 -30.45
CA ILE A 51 -5.90 4.82 -30.10
C ILE A 51 -5.25 4.61 -28.75
N ILE A 52 -6.07 4.35 -27.73
CA ILE A 52 -5.64 4.36 -26.34
C ILE A 52 -5.26 2.93 -25.91
N ARG A 53 -3.96 2.67 -25.75
CA ARG A 53 -3.42 1.34 -25.51
C ARG A 53 -2.55 1.12 -24.25
N PRO A 54 -2.47 2.09 -23.31
CA PRO A 54 -1.72 1.69 -22.10
C PRO A 54 -2.31 0.49 -21.37
N VAL A 55 -1.41 -0.29 -20.75
CA VAL A 55 -1.73 -1.47 -19.93
C VAL A 55 -2.30 -1.02 -18.59
N SER A 56 -1.81 0.11 -18.08
CA SER A 56 -2.36 0.72 -16.85
C SER A 56 -3.70 1.36 -17.19
N MET A 57 -4.74 0.92 -16.51
CA MET A 57 -6.08 1.50 -16.72
C MET A 57 -6.08 3.01 -16.37
N TYR A 58 -5.37 3.41 -15.32
CA TYR A 58 -5.33 4.85 -14.96
C TYR A 58 -4.60 5.66 -16.04
N ARG A 59 -3.53 5.09 -16.59
CA ARG A 59 -2.87 5.76 -17.72
C ARG A 59 -3.77 5.87 -18.95
N ALA A 60 -4.55 4.83 -19.24
CA ALA A 60 -5.48 4.87 -20.37
C ALA A 60 -6.55 5.94 -20.12
N LEU A 61 -7.12 5.92 -18.92
CA LEU A 61 -8.13 6.87 -18.52
C LEU A 61 -7.64 8.32 -18.64
N TYR A 62 -6.48 8.61 -18.07
CA TYR A 62 -6.01 9.99 -17.98
C TYR A 62 -5.44 10.50 -19.30
N SER A 63 -4.79 9.61 -20.06
CA SER A 63 -4.27 10.03 -21.37
C SER A 63 -5.45 10.34 -22.28
N SER A 64 -6.50 9.53 -22.21
CA SER A 64 -7.72 9.75 -23.00
C SER A 64 -8.33 11.10 -22.63
N ALA A 65 -8.47 11.36 -21.34
CA ALA A 65 -9.02 12.65 -20.89
C ALA A 65 -8.23 13.88 -21.35
N VAL A 66 -6.90 13.84 -21.25
CA VAL A 66 -6.09 14.95 -21.78
C VAL A 66 -6.25 15.14 -23.31
N LEU A 67 -6.25 14.04 -24.06
CA LEU A 67 -6.39 14.15 -25.52
C LEU A 67 -7.77 14.70 -25.90
N GLU A 68 -8.79 14.21 -25.21
CA GLU A 68 -10.16 14.73 -25.41
C GLU A 68 -10.29 16.23 -25.14
N ALA A 69 -9.58 16.71 -24.14
CA ALA A 69 -9.58 18.14 -23.82
C ALA A 69 -8.99 18.96 -24.95
N ALA A 70 -8.13 18.34 -25.75
CA ALA A 70 -7.56 19.03 -26.89
C ALA A 70 -8.42 18.86 -28.15
N GLY A 71 -9.56 18.20 -28.02
CA GLY A 71 -10.48 17.93 -29.14
C GLY A 71 -10.11 16.74 -30.01
N VAL A 72 -9.26 15.85 -29.48
CA VAL A 72 -8.94 14.61 -30.19
C VAL A 72 -9.98 13.57 -29.87
N HIS A 73 -10.43 12.86 -30.90
CA HIS A 73 -11.35 11.77 -30.68
C HIS A 73 -10.57 10.54 -30.23
N THR A 74 -10.92 10.01 -29.06
CA THR A 74 -10.16 8.91 -28.50
C THR A 74 -10.93 7.60 -28.58
N ILE A 75 -10.20 6.51 -28.84
CA ILE A 75 -10.74 5.16 -28.90
C ILE A 75 -9.93 4.32 -27.91
N ASN A 76 -10.50 3.93 -26.77
CA ASN A 76 -11.84 4.30 -26.31
C ASN A 76 -11.88 5.70 -25.65
N SER A 77 -13.08 6.24 -25.46
CA SER A 77 -13.25 7.53 -24.80
C SER A 77 -13.06 7.39 -23.29
N SER A 78 -12.76 8.51 -22.62
CA SER A 78 -12.52 8.46 -21.18
C SER A 78 -13.78 8.00 -20.43
N ASP A 79 -14.96 8.31 -20.96
CA ASP A 79 -16.21 7.88 -20.35
C ASP A 79 -16.36 6.36 -20.44
N VAL A 80 -15.91 5.78 -21.54
CA VAL A 80 -16.03 4.33 -21.72
C VAL A 80 -14.98 3.64 -20.86
N ILE A 81 -13.79 4.20 -20.82
CA ILE A 81 -12.72 3.61 -20.00
C ILE A 81 -13.17 3.57 -18.53
N ASN A 82 -13.75 4.67 -18.05
CA ASN A 82 -14.16 4.76 -16.66
C ASN A 82 -15.23 3.71 -16.33
N VAL A 83 -16.19 3.55 -17.23
CA VAL A 83 -17.28 2.61 -17.03
C VAL A 83 -16.84 1.16 -17.19
N CYS A 84 -16.12 0.83 -18.28
CA CYS A 84 -15.77 -0.57 -18.55
C CYS A 84 -14.66 -1.01 -17.63
N GLY A 85 -13.85 -0.04 -17.19
CA GLY A 85 -12.73 -0.30 -16.28
C GLY A 85 -13.19 -0.65 -14.89
N ASP A 86 -14.47 -0.38 -14.61
CA ASP A 86 -15.00 -0.59 -13.28
C ASP A 86 -16.21 -1.50 -13.33
N LYS A 87 -16.08 -2.69 -12.75
CA LYS A 87 -17.13 -3.70 -12.90
C LYS A 87 -18.46 -3.30 -12.24
N ILE A 88 -18.41 -2.54 -11.15
CA ILE A 88 -19.65 -2.11 -10.48
C ILE A 88 -20.40 -1.13 -11.38
N LEU A 89 -19.64 -0.21 -11.99
CA LEU A 89 -20.25 0.78 -12.89
C LEU A 89 -20.82 0.08 -14.13
N THR A 90 -20.06 -0.89 -14.65
CA THR A 90 -20.56 -1.66 -15.81
C THR A 90 -21.84 -2.40 -15.44
N TYR A 91 -21.82 -3.10 -14.30
CA TYR A 91 -23.02 -3.85 -13.88
C TYR A 91 -24.20 -2.94 -13.68
N SER A 92 -23.97 -1.74 -13.12
CA SER A 92 -25.06 -0.80 -12.91
CA SER A 92 -25.06 -0.80 -12.91
C SER A 92 -25.75 -0.44 -14.22
N LYS A 93 -24.97 -0.11 -15.23
CA LYS A 93 -25.50 0.26 -16.57
C LYS A 93 -26.29 -0.90 -17.19
N LEU A 94 -25.68 -2.08 -17.17
CA LEU A 94 -26.28 -3.26 -17.81
C LEU A 94 -27.57 -3.70 -17.10
N TYR A 95 -27.53 -3.75 -15.78
CA TYR A 95 -28.69 -4.17 -14.99
C TYR A 95 -29.89 -3.26 -15.22
N ARG A 96 -29.65 -1.95 -15.21
CA ARG A 96 -30.69 -0.95 -15.41
C ARG A 96 -31.41 -1.22 -16.75
N GLU A 97 -30.66 -1.62 -17.77
CA GLU A 97 -31.24 -1.88 -19.10
C GLU A 97 -31.75 -3.31 -19.32
N GLY A 98 -31.70 -4.14 -18.27
CA GLY A 98 -32.20 -5.51 -18.34
C GLY A 98 -31.29 -6.50 -19.07
N ILE A 99 -30.00 -6.19 -19.14
CA ILE A 99 -29.04 -7.16 -19.66
C ILE A 99 -28.72 -8.12 -18.51
N PRO A 100 -28.74 -9.46 -18.77
CA PRO A 100 -28.44 -10.36 -17.64
C PRO A 100 -26.99 -10.27 -17.19
N ILE A 101 -26.82 -10.17 -15.86
CA ILE A 101 -25.51 -10.18 -15.20
C ILE A 101 -25.54 -11.22 -14.09
N PRO A 102 -24.37 -11.63 -13.57
CA PRO A 102 -24.49 -12.57 -12.46
C PRO A 102 -25.23 -11.94 -11.29
N ASP A 103 -25.97 -12.75 -10.53
CA ASP A 103 -26.67 -12.25 -9.33
C ASP A 103 -25.64 -11.72 -8.36
N SER A 104 -25.70 -10.43 -8.05
CA SER A 104 -24.55 -9.76 -7.40
C SER A 104 -25.00 -8.96 -6.19
N ILE A 105 -24.15 -8.88 -5.17
CA ILE A 105 -24.36 -8.02 -4.01
C ILE A 105 -23.05 -7.25 -3.80
N ILE A 106 -23.12 -5.97 -3.48
CA ILE A 106 -21.91 -5.16 -3.31
C ILE A 106 -21.71 -4.92 -1.81
N ALA A 107 -20.48 -5.16 -1.34
CA ALA A 107 -20.14 -4.96 0.07
C ALA A 107 -18.96 -4.02 0.15
N LEU A 108 -19.10 -2.95 0.94
CA LEU A 108 -18.08 -1.89 0.92
C LEU A 108 -17.29 -1.81 2.23
N SER A 109 -17.28 -2.91 2.96
CA SER A 109 -16.47 -3.02 4.18
C SER A 109 -16.32 -4.50 4.51
N ALA A 110 -15.39 -4.84 5.42
CA ALA A 110 -15.29 -6.22 5.89
C ALA A 110 -16.58 -6.70 6.54
N GLU A 111 -17.20 -5.81 7.32
CA GLU A 111 -18.45 -6.17 7.99
C GLU A 111 -19.51 -6.48 6.95
N ALA A 112 -19.64 -5.60 5.97
CA ALA A 112 -20.63 -5.79 4.90
C ALA A 112 -20.37 -7.06 4.06
N ALA A 113 -19.11 -7.36 3.79
CA ALA A 113 -18.74 -8.56 3.01
C ALA A 113 -19.19 -9.86 3.72
N LEU A 114 -18.92 -9.97 5.02
CA LEU A 114 -19.36 -11.17 5.75
C LEU A 114 -20.89 -11.32 5.74
N LYS A 115 -21.60 -10.21 5.93
CA LYS A 115 -23.07 -10.20 5.80
C LYS A 115 -23.53 -10.66 4.40
N ALA A 116 -22.84 -10.20 3.36
CA ALA A 116 -23.18 -10.64 2.00
C ALA A 116 -22.95 -12.15 1.79
N TYR A 117 -21.90 -12.70 2.37
CA TYR A 117 -21.67 -14.17 2.29
C TYR A 117 -22.80 -14.91 2.97
N GLU A 118 -23.20 -14.39 4.12
CA GLU A 118 -24.26 -15.00 4.93
C GLU A 118 -25.62 -14.94 4.22
N GLN A 119 -25.88 -13.84 3.51
CA GLN A 119 -27.13 -13.65 2.75
C GLN A 119 -27.27 -14.59 1.56
N ARG A 120 -26.12 -14.83 0.91
CA ARG A 120 -25.97 -15.46 -0.40
C ARG A 120 -25.77 -16.97 -0.25
N GLY A 121 -24.99 -17.34 0.75
CA GLY A 121 -24.52 -18.71 0.91
C GLY A 121 -23.40 -19.06 -0.06
N PHE A 122 -22.86 -20.25 0.10
CA PHE A 122 -21.71 -20.68 -0.68
C PHE A 122 -22.14 -21.77 -1.68
N PRO A 123 -21.41 -21.91 -2.81
CA PRO A 123 -20.17 -21.17 -3.09
C PRO A 123 -20.49 -19.84 -3.70
N LEU A 124 -19.50 -18.96 -3.72
CA LEU A 124 -19.67 -17.65 -4.35
C LEU A 124 -18.36 -17.16 -4.94
N ILE A 125 -18.47 -16.20 -5.84
CA ILE A 125 -17.29 -15.47 -6.34
C ILE A 125 -17.22 -14.11 -5.65
N ASP A 126 -16.02 -13.71 -5.23
CA ASP A 126 -15.84 -12.38 -4.64
C ASP A 126 -14.70 -11.76 -5.42
N LYS A 127 -14.99 -10.66 -6.13
CA LYS A 127 -13.93 -9.96 -6.86
C LYS A 127 -14.03 -8.45 -6.66
N PRO A 128 -12.90 -7.74 -6.79
CA PRO A 128 -13.04 -6.28 -6.67
C PRO A 128 -13.51 -5.67 -8.02
N PRO A 129 -13.92 -4.38 -8.01
CA PRO A 129 -14.40 -3.77 -9.24
C PRO A 129 -13.32 -3.40 -10.24
N ILE A 130 -12.07 -3.31 -9.78
CA ILE A 130 -10.92 -2.98 -10.62
C ILE A 130 -10.00 -4.17 -10.66
N GLY A 131 -9.42 -4.39 -11.82
CA GLY A 131 -8.49 -5.49 -11.98
C GLY A 131 -8.74 -6.13 -13.32
N SER A 132 -7.76 -6.90 -13.75
CA SER A 132 -7.81 -7.64 -15.00
C SER A 132 -7.02 -8.92 -14.80
N TRP A 133 -7.01 -9.80 -15.80
CA TRP A 133 -6.20 -11.03 -15.80
C TRP A 133 -6.50 -12.00 -14.65
N GLY A 134 -7.68 -11.87 -14.06
CA GLY A 134 -8.12 -12.77 -13.00
C GLY A 134 -7.63 -12.36 -11.62
N ARG A 135 -6.92 -11.24 -11.54
CA ARG A 135 -6.28 -10.79 -10.31
C ARG A 135 -7.33 -10.52 -9.21
N LEU A 136 -7.16 -11.21 -8.08
CA LEU A 136 -8.05 -11.15 -6.90
C LEU A 136 -9.48 -11.65 -7.11
N VAL A 137 -9.74 -12.38 -8.19
CA VAL A 137 -11.04 -13.02 -8.39
C VAL A 137 -10.95 -14.31 -7.57
N SER A 138 -11.73 -14.38 -6.50
CA SER A 138 -11.63 -15.46 -5.54
C SER A 138 -12.89 -16.29 -5.44
N LEU A 139 -12.68 -17.60 -5.37
CA LEU A 139 -13.75 -18.58 -5.20
C LEU A 139 -13.91 -18.76 -3.69
N ILE A 140 -15.10 -18.50 -3.15
CA ILE A 140 -15.36 -18.56 -1.70
C ILE A 140 -16.33 -19.71 -1.44
N ARG A 141 -15.84 -20.76 -0.78
CA ARG A 141 -16.61 -22.02 -0.72
C ARG A 141 -17.10 -22.36 0.69
N ASP A 142 -16.52 -21.67 1.67
CA ASP A 142 -16.97 -21.76 3.05
C ASP A 142 -16.54 -20.52 3.82
N VAL A 143 -16.99 -20.44 5.07
CA VAL A 143 -16.78 -19.25 5.89
C VAL A 143 -15.31 -19.04 6.26
N PHE A 144 -14.51 -20.12 6.41
CA PHE A 144 -13.06 -19.95 6.70
C PHE A 144 -12.37 -19.21 5.54
N GLU A 145 -12.59 -19.71 4.32
CA GLU A 145 -12.10 -19.06 3.11
C GLU A 145 -12.57 -17.61 3.01
N GLY A 146 -13.85 -17.37 3.27
CA GLY A 146 -14.42 -16.01 3.21
C GLY A 146 -13.77 -15.08 4.21
N LYS A 147 -13.55 -15.57 5.42
CA LYS A 147 -12.95 -14.74 6.47
C LYS A 147 -11.52 -14.35 6.12
N THR A 148 -10.74 -15.31 5.63
CA THR A 148 -9.36 -15.00 5.26
C THR A 148 -9.27 -14.07 4.04
N ILE A 149 -10.15 -14.25 3.05
CA ILE A 149 -10.19 -13.31 1.90
C ILE A 149 -10.53 -11.89 2.38
N ILE A 150 -11.53 -11.76 3.23
CA ILE A 150 -11.89 -10.45 3.81
C ILE A 150 -10.66 -9.77 4.44
N GLU A 151 -9.90 -10.51 5.23
CA GLU A 151 -8.73 -9.94 5.88
C GLU A 151 -7.69 -9.44 4.89
N HIS A 152 -7.47 -10.25 3.85
CA HIS A 152 -6.51 -9.91 2.79
C HIS A 152 -6.91 -8.64 2.04
N ARG A 153 -8.18 -8.52 1.65
CA ARG A 153 -8.62 -7.31 0.93
C ARG A 153 -8.45 -6.05 1.77
N GLU A 154 -8.64 -6.18 3.08
CA GLU A 154 -8.51 -5.01 3.99
C GLU A 154 -7.12 -4.39 3.99
N LEU A 155 -6.14 -5.15 3.52
CA LEU A 155 -4.76 -4.67 3.54
C LEU A 155 -4.30 -4.15 2.18
N MET A 156 -5.25 -3.96 1.26
CA MET A 156 -4.90 -3.44 -0.07
C MET A 156 -4.70 -1.93 -0.01
N GLY A 157 -3.81 -1.43 -0.85
CA GLY A 157 -3.43 -0.02 -0.86
C GLY A 157 -4.29 0.87 -1.74
N ASN A 158 -5.14 0.28 -2.56
CA ASN A 158 -6.11 1.02 -3.39
C ASN A 158 -7.49 0.72 -2.79
N SER A 159 -8.13 1.72 -2.20
CA SER A 159 -9.41 1.48 -1.53
C SER A 159 -10.54 0.91 -2.42
N ALA A 160 -10.40 1.05 -3.72
CA ALA A 160 -11.36 0.41 -4.64
C ALA A 160 -11.26 -1.12 -4.57
N LEU A 161 -10.07 -1.62 -4.20
CA LEU A 161 -9.84 -3.07 -4.01
C LEU A 161 -10.54 -3.61 -2.79
N LYS A 162 -10.99 -2.71 -1.91
CA LYS A 162 -11.74 -3.07 -0.70
C LYS A 162 -13.26 -3.19 -0.92
N ALA A 163 -13.70 -2.82 -2.11
CA ALA A 163 -15.10 -3.00 -2.52
C ALA A 163 -15.27 -4.43 -3.04
N HIS A 164 -16.26 -5.13 -2.53
CA HIS A 164 -16.43 -6.55 -2.85
C HIS A 164 -17.62 -6.73 -3.76
N ILE A 165 -17.42 -7.37 -4.92
CA ILE A 165 -18.56 -7.81 -5.72
C ILE A 165 -18.77 -9.29 -5.39
N VAL A 166 -19.86 -9.60 -4.71
CA VAL A 166 -20.12 -10.96 -4.23
C VAL A 166 -21.19 -11.54 -5.14
N GLN A 167 -20.86 -12.62 -5.85
CA GLN A 167 -21.69 -13.06 -6.99
C GLN A 167 -21.92 -14.55 -6.96
N GLU A 168 -23.01 -14.95 -7.58
CA GLU A 168 -23.22 -16.38 -7.85
C GLU A 168 -22.06 -16.89 -8.71
N TYR A 169 -21.71 -18.16 -8.50
CA TYR A 169 -20.68 -18.79 -9.28
C TYR A 169 -21.34 -19.46 -10.48
N ILE A 170 -20.97 -19.04 -11.70
CA ILE A 170 -21.58 -19.55 -12.91
C ILE A 170 -20.54 -20.25 -13.74
N GLN A 171 -20.53 -21.58 -13.64
CA GLN A 171 -19.61 -22.35 -14.47
C GLN A 171 -19.97 -23.81 -14.45
N TYR A 172 -20.31 -24.34 -15.62
CA TYR A 172 -20.53 -25.77 -15.73
C TYR A 172 -19.97 -26.35 -17.03
N LYS A 173 -19.22 -25.57 -17.79
CA LYS A 173 -18.76 -25.98 -19.13
C LYS A 173 -17.24 -26.02 -19.26
N GLY A 174 -16.55 -25.38 -18.32
CA GLY A 174 -15.10 -25.39 -18.27
C GLY A 174 -14.51 -24.29 -19.14
N ARG A 175 -15.27 -23.22 -19.34
CA ARG A 175 -14.82 -22.13 -20.23
C ARG A 175 -15.59 -20.85 -19.97
N ASP A 176 -15.09 -19.75 -20.53
CA ASP A 176 -15.96 -18.63 -20.73
C ASP A 176 -15.91 -18.15 -22.19
N ILE A 177 -16.73 -17.18 -22.52
CA ILE A 177 -16.80 -16.72 -23.89
C ILE A 177 -16.29 -15.28 -23.93
N ARG A 178 -15.36 -15.05 -24.87
CA ARG A 178 -14.80 -13.75 -25.11
C ARG A 178 -15.18 -13.28 -26.51
N CYS A 179 -15.80 -12.11 -26.56
CA CYS A 179 -16.14 -11.46 -27.83
C CYS A 179 -15.51 -10.07 -27.93
N ILE A 180 -15.37 -9.58 -29.16
CA ILE A 180 -14.86 -8.24 -29.44
C ILE A 180 -15.87 -7.54 -30.36
N ALA A 181 -16.08 -6.24 -30.13
CA ALA A 181 -16.95 -5.42 -30.96
C ALA A 181 -16.15 -4.21 -31.39
N ILE A 182 -16.31 -3.83 -32.65
CA ILE A 182 -15.72 -2.60 -33.17
C ILE A 182 -16.90 -1.81 -33.75
N GLY A 183 -17.04 -0.56 -33.31
CA GLY A 183 -18.11 0.31 -33.80
C GLY A 183 -19.47 -0.16 -33.36
N GLU A 184 -19.52 -0.84 -32.21
CA GLU A 184 -20.77 -1.43 -31.67
C GLU A 184 -21.32 -2.56 -32.56
N GLU A 185 -20.44 -3.13 -33.37
CA GLU A 185 -20.76 -4.32 -34.15
C GLU A 185 -19.88 -5.50 -33.77
N LEU A 186 -20.49 -6.68 -33.68
CA LEU A 186 -19.76 -7.85 -33.30
C LEU A 186 -18.69 -8.24 -34.33
N LEU A 187 -17.45 -8.36 -33.86
CA LEU A 187 -16.33 -8.80 -34.70
C LEU A 187 -16.24 -10.33 -34.68
N GLY A 188 -16.42 -10.93 -33.52
CA GLY A 188 -16.35 -12.39 -33.38
C GLY A 188 -16.34 -12.78 -31.91
N CYS A 189 -16.46 -14.08 -31.64
CA CYS A 189 -16.39 -14.62 -30.28
C CYS A 189 -15.54 -15.86 -30.29
N TYR A 190 -14.94 -16.20 -29.15
CA TYR A 190 -14.30 -17.48 -29.03
C TYR A 190 -14.41 -17.94 -27.58
N ALA A 191 -14.03 -19.19 -27.32
CA ALA A 191 -14.07 -19.76 -25.98
C ALA A 191 -12.69 -19.77 -25.34
N ARG A 192 -12.60 -19.32 -24.09
CA ARG A 192 -11.37 -19.50 -23.30
C ARG A 192 -11.55 -20.67 -22.36
N ASN A 193 -10.80 -21.75 -22.59
CA ASN A 193 -10.97 -23.00 -21.81
C ASN A 193 -10.09 -23.00 -20.60
N ILE A 194 -10.70 -23.26 -19.44
CA ILE A 194 -10.02 -23.25 -18.15
C ILE A 194 -8.98 -24.37 -18.07
N PRO A 195 -7.75 -24.01 -17.70
CA PRO A 195 -6.71 -25.05 -17.61
C PRO A 195 -6.74 -25.82 -16.26
N PRO A 196 -6.04 -26.97 -16.19
CA PRO A 196 -5.95 -27.70 -14.94
C PRO A 196 -5.44 -26.79 -13.81
N ASN A 197 -5.94 -27.01 -12.59
CA ASN A 197 -5.58 -26.24 -11.40
C ASN A 197 -6.02 -24.78 -11.40
N GLU A 198 -6.94 -24.44 -12.30
CA GLU A 198 -7.51 -23.09 -12.34
C GLU A 198 -9.02 -23.08 -12.20
N TRP A 199 -9.55 -21.95 -11.74
CA TRP A 199 -10.99 -21.66 -11.73
C TRP A 199 -11.31 -20.49 -12.66
N ARG A 200 -10.26 -19.91 -13.23
CA ARG A 200 -10.38 -18.71 -14.06
C ARG A 200 -9.97 -19.02 -15.49
N ALA A 201 -10.66 -18.40 -16.43
CA ALA A 201 -10.49 -18.75 -17.82
C ALA A 201 -9.45 -17.90 -18.54
N ASN A 202 -8.97 -16.83 -17.91
CA ASN A 202 -8.09 -15.88 -18.59
C ASN A 202 -6.94 -16.52 -19.35
N VAL A 203 -6.74 -16.08 -20.58
CA VAL A 203 -5.56 -16.52 -21.36
C VAL A 203 -4.26 -16.20 -20.58
N ALA A 204 -4.22 -15.07 -19.88
CA ALA A 204 -3.05 -14.69 -19.07
C ALA A 204 -2.73 -15.71 -18.00
N LEU A 205 -3.73 -16.51 -17.60
CA LEU A 205 -3.57 -17.54 -16.57
C LEU A 205 -3.45 -18.97 -17.12
N GLY A 206 -3.33 -19.10 -18.44
CA GLY A 206 -3.19 -20.42 -19.09
C GLY A 206 -4.44 -20.87 -19.85
N GLY A 207 -5.44 -20.00 -19.92
CA GLY A 207 -6.68 -20.31 -20.64
C GLY A 207 -6.38 -20.55 -22.12
N THR A 208 -6.99 -21.58 -22.70
CA THR A 208 -6.64 -21.98 -24.07
C THR A 208 -7.80 -21.64 -24.98
N PRO A 209 -7.51 -20.91 -26.08
CA PRO A 209 -8.58 -20.47 -26.98
C PRO A 209 -9.09 -21.60 -27.85
N SER A 210 -10.40 -21.60 -28.09
CA SER A 210 -10.95 -22.47 -29.10
C SER A 210 -12.11 -21.75 -29.74
N ASN A 211 -12.46 -22.17 -30.95
CA ASN A 211 -13.60 -21.52 -31.61
C ASN A 211 -14.97 -22.08 -31.18
N ILE A 212 -16.01 -21.27 -31.37
CA ILE A 212 -17.39 -21.65 -31.05
C ILE A 212 -18.31 -21.23 -32.20
N GLU A 213 -19.54 -21.74 -32.18
CA GLU A 213 -20.61 -21.25 -33.03
C GLU A 213 -21.26 -20.06 -32.33
N VAL A 214 -21.50 -18.99 -33.06
CA VAL A 214 -22.13 -17.82 -32.49
C VAL A 214 -23.59 -17.72 -32.95
N ASP A 215 -24.50 -18.15 -32.09
CA ASP A 215 -25.94 -18.06 -32.36
C ASP A 215 -26.46 -16.63 -32.17
N GLU A 216 -27.66 -16.38 -32.70
CA GLU A 216 -28.30 -15.07 -32.65
C GLU A 216 -28.46 -14.50 -31.23
N LYS A 217 -28.77 -15.37 -30.26
CA LYS A 217 -28.93 -14.95 -28.86
C LYS A 217 -27.63 -14.39 -28.28
N LEU A 218 -26.51 -15.04 -28.62
CA LEU A 218 -25.18 -14.55 -28.20
C LEU A 218 -24.85 -13.20 -28.84
N LYS A 219 -24.96 -13.12 -30.16
CA LYS A 219 -24.74 -11.86 -30.89
C LYS A 219 -25.55 -10.70 -30.30
N GLU A 220 -26.85 -10.92 -30.13
CA GLU A 220 -27.77 -9.88 -29.63
C GLU A 220 -27.44 -9.45 -28.21
N THR A 221 -27.11 -10.42 -27.35
CA THR A 221 -26.66 -10.10 -25.99
C THR A 221 -25.45 -9.16 -26.02
N VAL A 222 -24.45 -9.50 -26.84
CA VAL A 222 -23.21 -8.72 -26.90
C VAL A 222 -23.47 -7.34 -27.44
N VAL A 223 -24.14 -7.29 -28.59
CA VAL A 223 -24.39 -6.03 -29.24
C VAL A 223 -25.14 -5.09 -28.32
N LYS A 224 -26.16 -5.60 -27.64
CA LYS A 224 -26.92 -4.78 -26.70
C LYS A 224 -26.04 -4.23 -25.58
N ALA A 225 -25.24 -5.12 -25.00
CA ALA A 225 -24.31 -4.72 -23.93
C ALA A 225 -23.35 -3.59 -24.35
N VAL A 226 -22.71 -3.76 -25.50
CA VAL A 226 -21.77 -2.77 -26.02
C VAL A 226 -22.45 -1.46 -26.33
N SER A 227 -23.68 -1.54 -26.84
CA SER A 227 -24.48 -0.36 -27.15
C SER A 227 -24.80 0.47 -25.90
N ILE A 228 -25.08 -0.21 -24.78
CA ILE A 228 -25.42 0.46 -23.53
C ILE A 228 -24.23 1.27 -23.00
N VAL A 229 -23.04 0.68 -23.08
CA VAL A 229 -21.85 1.35 -22.55
C VAL A 229 -21.13 2.24 -23.56
N HIS A 230 -21.56 2.18 -24.83
CA HIS A 230 -21.01 2.98 -25.95
C HIS A 230 -19.53 2.73 -26.29
N GLY A 231 -19.05 1.51 -26.09
CA GLY A 231 -17.66 1.22 -26.47
C GLY A 231 -17.42 1.16 -27.98
N GLU A 232 -16.34 1.79 -28.43
CA GLU A 232 -15.93 1.75 -29.83
C GLU A 232 -15.07 0.54 -30.20
N PHE A 233 -14.23 0.09 -29.27
CA PHE A 233 -13.40 -1.08 -29.49
C PHE A 233 -13.20 -1.75 -28.14
N VAL A 234 -14.05 -2.73 -27.87
CA VAL A 234 -14.12 -3.33 -26.53
C VAL A 234 -14.22 -4.83 -26.61
N SER A 235 -13.80 -5.49 -25.53
CA SER A 235 -14.08 -6.90 -25.39
C SER A 235 -15.16 -7.13 -24.34
N ILE A 236 -15.78 -8.30 -24.42
CA ILE A 236 -16.92 -8.64 -23.58
C ILE A 236 -16.68 -10.07 -23.12
N ASP A 237 -16.91 -10.31 -21.83
CA ASP A 237 -16.74 -11.62 -21.21
C ASP A 237 -18.15 -12.13 -20.87
N ILE A 238 -18.48 -13.34 -21.32
CA ILE A 238 -19.80 -13.93 -21.14
C ILE A 238 -19.66 -15.28 -20.46
N LEU A 239 -20.51 -15.51 -19.45
CA LEU A 239 -20.60 -16.80 -18.75
C LEU A 239 -21.86 -17.51 -19.21
N GLU A 240 -21.86 -18.84 -19.11
CA GLU A 240 -23.03 -19.62 -19.52
C GLU A 240 -23.69 -20.29 -18.33
N HIS A 241 -24.94 -19.93 -18.06
CA HIS A 241 -25.63 -20.40 -16.87
C HIS A 241 -26.52 -21.56 -17.30
N PRO A 242 -26.57 -22.64 -16.51
CA PRO A 242 -27.30 -23.83 -16.99
C PRO A 242 -28.83 -23.63 -17.17
N ASN A 243 -29.42 -22.63 -16.49
CA ASN A 243 -30.84 -22.33 -16.65
C ASN A 243 -31.07 -21.03 -17.43
N LYS A 244 -30.25 -20.02 -17.13
CA LYS A 244 -30.44 -18.64 -17.61
C LYS A 244 -29.79 -18.35 -18.97
N GLY A 245 -28.86 -19.21 -19.39
CA GLY A 245 -28.14 -19.00 -20.65
C GLY A 245 -27.02 -17.98 -20.50
N TYR A 246 -26.89 -17.08 -21.49
CA TYR A 246 -25.75 -16.14 -21.54
C TYR A 246 -25.90 -15.03 -20.51
N VAL A 247 -24.85 -14.80 -19.75
CA VAL A 247 -24.85 -13.78 -18.71
C VAL A 247 -23.61 -12.93 -18.96
N VAL A 248 -23.76 -11.61 -19.00
CA VAL A 248 -22.62 -10.75 -19.23
C VAL A 248 -21.84 -10.57 -17.93
N ASN A 249 -20.56 -10.89 -18.00
CA ASN A 249 -19.70 -10.79 -16.81
C ASN A 249 -18.90 -9.49 -16.74
N GLU A 250 -18.32 -9.05 -17.84
CA GLU A 250 -17.57 -7.77 -17.85
C GLU A 250 -17.32 -7.33 -19.28
N LEU A 251 -16.90 -6.08 -19.43
CA LEU A 251 -16.43 -5.49 -20.68
C LEU A 251 -15.06 -4.94 -20.35
N ASN A 252 -14.16 -4.91 -21.33
CA ASN A 252 -12.83 -4.34 -21.12
C ASN A 252 -12.53 -3.27 -22.14
N ASP A 253 -11.87 -2.20 -21.68
CA ASP A 253 -11.69 -1.01 -22.51
C ASP A 253 -10.36 -0.92 -23.28
N VAL A 254 -9.38 -1.77 -22.95
CA VAL A 254 -8.13 -1.88 -23.72
C VAL A 254 -7.92 -3.36 -24.05
N PRO A 255 -8.69 -3.88 -25.00
CA PRO A 255 -8.69 -5.33 -25.17
C PRO A 255 -7.39 -5.92 -25.73
N GLU A 256 -7.00 -7.06 -25.17
CA GLU A 256 -5.94 -7.83 -25.76
C GLU A 256 -6.61 -8.79 -26.72
N PHE A 257 -5.84 -9.31 -27.68
CA PHE A 257 -6.48 -10.11 -28.73
C PHE A 257 -5.57 -11.17 -29.34
N LYS A 258 -4.50 -11.53 -28.64
CA LYS A 258 -3.64 -12.62 -29.13
C LYS A 258 -4.41 -13.93 -29.20
N GLY A 259 -5.19 -14.21 -28.15
CA GLY A 259 -6.00 -15.45 -28.05
C GLY A 259 -7.12 -15.43 -29.06
N PHE A 260 -7.74 -14.26 -29.20
CA PHE A 260 -8.82 -14.05 -30.15
C PHE A 260 -8.35 -14.36 -31.58
N MET A 261 -7.15 -13.93 -31.91
CA MET A 261 -6.58 -14.21 -33.25
C MET A 261 -6.30 -15.68 -33.46
N VAL A 262 -5.70 -16.36 -32.48
CA VAL A 262 -5.48 -17.80 -32.67
C VAL A 262 -6.79 -18.58 -32.85
N ALA A 263 -7.86 -18.21 -32.15
CA ALA A 263 -9.14 -18.87 -32.33
C ALA A 263 -9.91 -18.51 -33.62
N THR A 264 -9.97 -17.24 -33.97
CA THR A 264 -10.88 -16.77 -35.02
C THR A 264 -10.22 -16.54 -36.39
N ASN A 265 -8.89 -16.50 -36.38
CA ASN A 265 -8.08 -16.01 -37.52
C ASN A 265 -8.50 -14.65 -38.06
N ILE A 266 -9.03 -13.79 -37.18
CA ILE A 266 -9.41 -12.44 -37.56
C ILE A 266 -8.23 -11.50 -37.29
N ASN A 267 -7.86 -10.72 -38.32
CA ASN A 267 -6.81 -9.70 -38.18
C ASN A 267 -7.43 -8.49 -37.48
N VAL A 268 -7.39 -8.51 -36.16
CA VAL A 268 -8.06 -7.48 -35.35
C VAL A 268 -7.48 -6.08 -35.63
N ALA A 269 -6.15 -5.97 -35.64
CA ALA A 269 -5.50 -4.65 -35.92
C ALA A 269 -5.92 -4.11 -37.30
N GLN A 270 -5.92 -4.96 -38.32
CA GLN A 270 -6.39 -4.55 -39.65
C GLN A 270 -7.84 -4.06 -39.60
N LYS A 271 -8.72 -4.83 -38.97
CA LYS A 271 -10.13 -4.44 -38.83
C LYS A 271 -10.32 -3.11 -38.08
N LEU A 272 -9.51 -2.89 -37.06
CA LEU A 272 -9.55 -1.62 -36.34
C LEU A 272 -9.14 -0.43 -37.22
N VAL A 273 -7.99 -0.57 -37.92
CA VAL A 273 -7.49 0.52 -38.76
C VAL A 273 -8.47 0.78 -39.91
N GLU A 274 -9.02 -0.26 -40.51
CA GLU A 274 -10.04 -0.07 -41.57
C GLU A 274 -11.24 0.71 -41.04
N TYR A 275 -11.68 0.38 -39.83
CA TYR A 275 -12.80 1.11 -39.20
C TYR A 275 -12.47 2.60 -39.00
N ILE A 276 -11.26 2.86 -38.52
CA ILE A 276 -10.83 4.23 -38.21
C ILE A 276 -10.72 5.03 -39.50
N LYS A 277 -10.13 4.40 -40.52
CA LYS A 277 -10.00 5.05 -41.83
C LYS A 277 -11.37 5.40 -42.42
N GLU A 278 -12.27 4.42 -42.43
CA GLU A 278 -13.64 4.61 -42.96
C GLU A 278 -14.47 5.66 -42.20
N ASN A 279 -14.21 5.82 -40.91
CA ASN A 279 -15.05 6.69 -40.10
C ASN A 279 -14.47 8.06 -39.72
N TYR A 280 -13.15 8.19 -39.81
CA TYR A 280 -12.49 9.41 -39.32
C TYR A 280 -11.57 10.08 -40.34
N SER A 281 -11.54 9.56 -41.56
CA SER A 281 -10.76 10.20 -42.63
C SER A 281 -11.43 11.50 -43.03
N MET B 1 -43.08 10.52 -0.99
CA MET B 1 -41.63 10.44 -1.33
C MET B 1 -40.92 9.69 -0.19
N ARG B 2 -39.99 8.83 -0.58
CA ARG B 2 -39.18 8.08 0.36
C ARG B 2 -37.75 8.33 -0.02
N VAL B 3 -36.99 8.84 0.94
CA VAL B 3 -35.60 9.21 0.72
C VAL B 3 -34.73 8.25 1.50
N VAL B 4 -33.59 7.87 0.92
CA VAL B 4 -32.58 7.16 1.70
C VAL B 4 -31.34 8.03 1.80
N LEU B 5 -30.78 8.11 3.01
CA LEU B 5 -29.57 8.86 3.26
C LEU B 5 -28.47 7.83 3.44
N ILE B 6 -27.48 7.85 2.53
CA ILE B 6 -26.47 6.83 2.45
C ILE B 6 -25.22 7.39 3.13
N VAL B 7 -24.70 6.69 4.14
CA VAL B 7 -23.63 7.27 4.95
C VAL B 7 -22.57 6.19 5.26
N ASP B 8 -21.38 6.61 5.65
CA ASP B 8 -20.45 5.68 6.30
C ASP B 8 -20.01 6.21 7.66
N ILE B 9 -19.45 7.41 7.65
CA ILE B 9 -19.18 8.11 8.89
C ILE B 9 -20.16 9.28 8.95
N VAL B 10 -20.85 9.42 10.08
CA VAL B 10 -21.83 10.47 10.26
C VAL B 10 -21.16 11.70 10.86
N ARG B 11 -20.96 12.74 10.02
CA ARG B 11 -20.42 14.03 10.47
C ARG B 11 -21.57 14.98 10.77
N GLN B 12 -21.21 16.19 11.20
CA GLN B 12 -22.22 17.23 11.43
C GLN B 12 -23.13 17.39 10.22
N GLU B 13 -22.53 17.33 9.03
CA GLU B 13 -23.28 17.53 7.80
C GLU B 13 -24.40 16.49 7.66
N GLU B 14 -24.07 15.22 7.91
CA GLU B 14 -25.06 14.17 7.81
C GLU B 14 -26.18 14.32 8.86
N LYS B 15 -25.78 14.74 10.07
CA LYS B 15 -26.76 14.97 11.14
C LYS B 15 -27.72 16.06 10.78
N LEU B 16 -27.17 17.14 10.21
CA LEU B 16 -27.98 18.28 9.77
C LEU B 16 -28.93 17.89 8.63
N ILE B 17 -28.49 17.01 7.72
CA ILE B 17 -29.37 16.59 6.63
C ILE B 17 -30.48 15.70 7.19
N ALA B 18 -30.15 14.79 8.10
CA ALA B 18 -31.16 13.96 8.73
C ALA B 18 -32.19 14.83 9.48
N LYS B 19 -31.71 15.86 10.15
CA LYS B 19 -32.58 16.70 10.97
C LYS B 19 -33.51 17.48 10.06
N ALA B 20 -32.97 17.92 8.93
CA ALA B 20 -33.78 18.66 7.97
C ALA B 20 -34.84 17.80 7.26
N LEU B 21 -34.50 16.53 7.00
CA LEU B 21 -35.48 15.57 6.50
C LEU B 21 -36.63 15.44 7.52
N GLU B 22 -36.28 15.19 8.76
CA GLU B 22 -37.26 15.08 9.85
C GLU B 22 -38.15 16.34 9.98
N GLU B 23 -37.53 17.52 9.97
CA GLU B 23 -38.21 18.78 10.23
C GLU B 23 -39.16 19.16 9.11
N ASN B 24 -38.87 18.69 7.90
CA ASN B 24 -39.70 18.93 6.73
C ASN B 24 -40.66 17.77 6.41
N LYS B 25 -40.77 16.82 7.35
CA LYS B 25 -41.75 15.73 7.32
C LYS B 25 -41.54 14.80 6.12
N VAL B 26 -40.28 14.58 5.80
CA VAL B 26 -39.93 13.70 4.69
C VAL B 26 -39.64 12.32 5.26
N GLN B 27 -40.33 11.29 4.77
CA GLN B 27 -40.06 9.91 5.19
C GLN B 27 -38.66 9.55 4.72
N TYR B 28 -37.80 9.06 5.60
CA TYR B 28 -36.48 8.67 5.11
C TYR B 28 -35.90 7.54 5.98
N ASP B 29 -35.01 6.74 5.40
CA ASP B 29 -34.20 5.76 6.16
C ASP B 29 -32.75 6.14 6.00
N ILE B 30 -31.90 5.65 6.88
CA ILE B 30 -30.48 5.81 6.74
C ILE B 30 -29.95 4.40 6.45
N ILE B 31 -29.13 4.26 5.42
CA ILE B 31 -28.37 3.01 5.28
C ILE B 31 -26.89 3.34 5.44
N ASN B 32 -26.24 2.66 6.38
CA ASN B 32 -24.81 2.82 6.54
C ASN B 32 -24.09 1.77 5.66
N VAL B 33 -23.46 2.23 4.58
CA VAL B 33 -22.84 1.31 3.61
C VAL B 33 -21.46 0.83 4.04
N ALA B 34 -20.97 1.30 5.19
CA ALA B 34 -19.84 0.63 5.84
C ALA B 34 -20.30 -0.57 6.68
N GLN B 35 -21.61 -0.78 6.75
CA GLN B 35 -22.16 -1.86 7.56
C GLN B 35 -23.03 -2.83 6.81
N GLU B 36 -23.78 -2.34 5.82
CA GLU B 36 -24.76 -3.16 5.11
C GLU B 36 -24.32 -3.33 3.67
N PRO B 37 -24.42 -4.56 3.12
CA PRO B 37 -24.22 -4.76 1.69
C PRO B 37 -25.45 -4.31 0.90
N LEU B 38 -25.25 -3.99 -0.38
CA LEU B 38 -26.31 -3.48 -1.28
C LEU B 38 -26.48 -4.40 -2.48
N PRO B 39 -27.69 -4.96 -2.67
CA PRO B 39 -27.81 -5.91 -3.77
C PRO B 39 -28.20 -5.25 -5.08
N PHE B 40 -27.73 -5.82 -6.20
CA PHE B 40 -28.13 -5.39 -7.53
C PHE B 40 -29.44 -6.08 -7.80
N ASN B 41 -30.51 -5.46 -7.33
CA ASN B 41 -31.85 -5.91 -7.67
C ASN B 41 -32.87 -4.80 -7.49
N LYS B 42 -34.14 -5.15 -7.57
CA LYS B 42 -35.17 -4.12 -7.57
C LYS B 42 -35.59 -3.67 -6.16
N ALA B 43 -35.03 -4.28 -5.11
CA ALA B 43 -35.42 -4.00 -3.70
C ALA B 43 -35.27 -2.52 -3.29
N LEU B 44 -34.17 -1.89 -3.70
CA LEU B 44 -33.91 -0.51 -3.27
C LEU B 44 -34.75 0.51 -4.03
N GLY B 45 -35.46 0.04 -5.06
CA GLY B 45 -36.41 0.87 -5.80
C GLY B 45 -37.58 1.36 -4.95
N ARG B 46 -37.64 0.92 -3.71
CA ARG B 46 -38.59 1.44 -2.75
C ARG B 46 -38.30 2.92 -2.43
N TYR B 47 -37.05 3.36 -2.68
CA TYR B 47 -36.69 4.77 -2.48
C TYR B 47 -36.79 5.55 -3.77
N ASP B 48 -37.31 6.76 -3.65
CA ASP B 48 -37.43 7.67 -4.77
C ASP B 48 -36.13 8.44 -5.00
N VAL B 49 -35.47 8.82 -3.90
CA VAL B 49 -34.27 9.64 -3.99
C VAL B 49 -33.27 9.13 -2.96
N ALA B 50 -32.00 9.12 -3.33
CA ALA B 50 -30.89 8.78 -2.41
C ALA B 50 -29.95 9.97 -2.28
N ILE B 51 -29.60 10.33 -1.04
CA ILE B 51 -28.67 11.46 -0.83
C ILE B 51 -27.37 10.78 -0.48
N ILE B 52 -26.36 10.96 -1.32
CA ILE B 52 -25.17 10.12 -1.25
C ILE B 52 -24.14 10.88 -0.43
N ARG B 53 -23.88 10.39 0.78
CA ARG B 53 -23.04 11.09 1.76
C ARG B 53 -21.79 10.37 2.33
N PRO B 54 -21.38 9.19 1.78
CA PRO B 54 -20.17 8.61 2.36
C PRO B 54 -18.94 9.52 2.21
N VAL B 55 -18.06 9.44 3.22
CA VAL B 55 -16.80 10.19 3.25
CA VAL B 55 -16.81 10.21 3.23
C VAL B 55 -15.83 9.53 2.27
N SER B 56 -15.95 8.22 2.11
CA SER B 56 -15.09 7.49 1.15
C SER B 56 -15.66 7.77 -0.24
N MET B 57 -14.86 8.32 -1.14
CA MET B 57 -15.32 8.58 -2.51
C MET B 57 -15.72 7.27 -3.23
N TYR B 58 -14.97 6.20 -3.01
CA TYR B 58 -15.35 4.92 -3.65
C TYR B 58 -16.69 4.39 -3.14
N ARG B 59 -16.93 4.52 -1.84
CA ARG B 59 -18.25 4.16 -1.27
C ARG B 59 -19.36 5.03 -1.84
N ALA B 60 -19.10 6.33 -2.02
CA ALA B 60 -20.07 7.21 -2.64
C ALA B 60 -20.35 6.77 -4.08
N LEU B 61 -19.28 6.53 -4.84
CA LEU B 61 -19.40 6.10 -6.23
C LEU B 61 -20.20 4.82 -6.37
N TYR B 62 -19.85 3.83 -5.57
CA TYR B 62 -20.44 2.51 -5.74
C TYR B 62 -21.85 2.40 -5.16
N SER B 63 -22.12 3.07 -4.03
CA SER B 63 -23.49 3.03 -3.49
CA SER B 63 -23.49 3.05 -3.48
C SER B 63 -24.43 3.70 -4.48
N SER B 64 -23.97 4.81 -5.08
CA SER B 64 -24.78 5.55 -6.06
CA SER B 64 -24.81 5.54 -6.06
C SER B 64 -25.08 4.66 -7.29
N ALA B 65 -24.06 3.96 -7.78
CA ALA B 65 -24.23 3.07 -8.93
C ALA B 65 -25.24 1.96 -8.65
N VAL B 66 -25.15 1.33 -7.48
CA VAL B 66 -26.09 0.25 -7.12
C VAL B 66 -27.52 0.78 -6.99
N LEU B 67 -27.70 1.95 -6.37
CA LEU B 67 -29.03 2.57 -6.22
C LEU B 67 -29.63 2.98 -7.58
N GLU B 68 -28.81 3.53 -8.45
CA GLU B 68 -29.23 3.87 -9.82
C GLU B 68 -29.71 2.65 -10.60
N ALA B 69 -29.06 1.52 -10.39
CA ALA B 69 -29.41 0.28 -11.06
C ALA B 69 -30.81 -0.18 -10.63
N ALA B 70 -31.23 0.21 -9.42
CA ALA B 70 -32.58 -0.07 -8.93
C ALA B 70 -33.60 0.99 -9.36
N GLY B 71 -33.15 1.98 -10.12
CA GLY B 71 -34.01 3.09 -10.60
C GLY B 71 -34.21 4.22 -9.60
N VAL B 72 -33.33 4.30 -8.58
CA VAL B 72 -33.41 5.36 -7.55
C VAL B 72 -32.65 6.54 -8.13
N HIS B 73 -33.20 7.74 -8.00
CA HIS B 73 -32.47 8.93 -8.41
C HIS B 73 -31.48 9.30 -7.31
N THR B 74 -30.19 9.36 -7.66
CA THR B 74 -29.19 9.62 -6.64
C THR B 74 -28.65 11.03 -6.78
N ILE B 75 -28.34 11.63 -5.63
CA ILE B 75 -27.79 12.98 -5.57
C ILE B 75 -26.54 12.88 -4.71
N ASN B 76 -25.33 13.02 -5.29
CA ASN B 76 -25.11 13.10 -6.73
C ASN B 76 -25.15 11.76 -7.47
N SER B 77 -25.26 11.82 -8.79
CA SER B 77 -25.22 10.61 -9.64
C SER B 77 -23.79 10.01 -9.71
N SER B 78 -23.70 8.72 -10.06
CA SER B 78 -22.39 8.07 -10.14
C SER B 78 -21.54 8.72 -11.21
N ASP B 79 -22.18 9.23 -12.26
CA ASP B 79 -21.43 9.83 -13.35
C ASP B 79 -20.80 11.15 -12.86
N VAL B 80 -21.53 11.89 -12.04
CA VAL B 80 -21.04 13.14 -11.45
C VAL B 80 -19.94 12.83 -10.41
N ILE B 81 -20.19 11.83 -9.57
CA ILE B 81 -19.18 11.42 -8.57
C ILE B 81 -17.85 11.04 -9.23
N ASN B 82 -17.91 10.24 -10.30
CA ASN B 82 -16.73 9.79 -11.03
C ASN B 82 -15.91 10.98 -11.55
N VAL B 83 -16.61 11.93 -12.15
CA VAL B 83 -15.96 13.07 -12.78
C VAL B 83 -15.47 14.10 -11.75
N CYS B 84 -16.30 14.47 -10.77
CA CYS B 84 -15.91 15.49 -9.79
C CYS B 84 -14.89 14.95 -8.82
N GLY B 85 -14.94 13.65 -8.57
CA GLY B 85 -13.99 13.00 -7.66
C GLY B 85 -12.61 12.80 -8.29
N ASP B 86 -12.50 13.07 -9.58
CA ASP B 86 -11.23 12.94 -10.27
C ASP B 86 -10.83 14.26 -10.93
N LYS B 87 -9.79 14.89 -10.40
CA LYS B 87 -9.38 16.22 -10.88
C LYS B 87 -8.99 16.24 -12.35
N ILE B 88 -8.39 15.16 -12.87
CA ILE B 88 -8.02 15.14 -14.30
C ILE B 88 -9.27 15.08 -15.18
N LEU B 89 -10.24 14.26 -14.78
CA LEU B 89 -11.51 14.17 -15.54
C LEU B 89 -12.28 15.50 -15.49
N THR B 90 -12.25 16.15 -14.32
CA THR B 90 -12.87 17.46 -14.15
C THR B 90 -12.20 18.49 -15.05
N TYR B 91 -10.87 18.57 -14.97
CA TYR B 91 -10.13 19.56 -15.80
C TYR B 91 -10.39 19.28 -17.28
N SER B 92 -10.45 18.00 -17.69
CA SER B 92 -10.76 17.70 -19.10
C SER B 92 -12.06 18.35 -19.60
N LYS B 93 -13.14 18.15 -18.86
CA LYS B 93 -14.47 18.67 -19.23
C LYS B 93 -14.47 20.19 -19.19
N LEU B 94 -13.89 20.75 -18.12
CA LEU B 94 -13.87 22.21 -17.98
C LEU B 94 -13.04 22.88 -19.09
N TYR B 95 -11.84 22.33 -19.32
CA TYR B 95 -10.94 22.90 -20.30
C TYR B 95 -11.57 22.91 -21.67
N ARG B 96 -12.17 21.77 -22.03
CA ARG B 96 -12.81 21.61 -23.32
C ARG B 96 -13.88 22.65 -23.61
N GLU B 97 -14.57 23.09 -22.57
CA GLU B 97 -15.68 24.03 -22.72
C GLU B 97 -15.28 25.49 -22.43
N GLY B 98 -13.98 25.75 -22.29
CA GLY B 98 -13.49 27.12 -22.14
C GLY B 98 -13.62 27.72 -20.75
N ILE B 99 -13.76 26.88 -19.73
CA ILE B 99 -13.67 27.34 -18.35
C ILE B 99 -12.20 27.43 -17.98
N PRO B 100 -11.79 28.54 -17.35
CA PRO B 100 -10.36 28.70 -17.05
C PRO B 100 -10.00 27.77 -15.90
N ILE B 101 -8.87 27.07 -16.06
CA ILE B 101 -8.35 26.16 -15.05
C ILE B 101 -6.90 26.50 -14.91
N PRO B 102 -6.26 26.05 -13.81
CA PRO B 102 -4.84 26.40 -13.77
C PRO B 102 -4.07 25.76 -14.93
N ASP B 103 -3.06 26.45 -15.45
CA ASP B 103 -2.25 25.87 -16.53
C ASP B 103 -1.64 24.57 -16.05
N SER B 104 -1.95 23.45 -16.71
CA SER B 104 -1.63 22.15 -16.09
C SER B 104 -0.99 21.20 -17.08
N ILE B 105 -0.13 20.33 -16.58
CA ILE B 105 0.48 19.27 -17.39
C ILE B 105 0.32 17.97 -16.60
N ILE B 106 -0.02 16.89 -17.29
CA ILE B 106 -0.23 15.61 -16.62
C ILE B 106 0.98 14.71 -16.87
N ALA B 107 1.47 14.11 -15.78
CA ALA B 107 2.64 13.25 -15.83
C ALA B 107 2.29 11.90 -15.21
N LEU B 108 2.43 10.83 -15.99
CA LEU B 108 1.94 9.53 -15.55
C LEU B 108 3.03 8.55 -15.16
N SER B 109 4.20 9.08 -14.82
CA SER B 109 5.31 8.28 -14.31
C SER B 109 6.30 9.22 -13.63
N ALA B 110 7.24 8.68 -12.83
CA ALA B 110 8.30 9.50 -12.26
C ALA B 110 9.12 10.21 -13.33
N GLU B 111 9.39 9.48 -14.42
CA GLU B 111 10.16 10.05 -15.52
C GLU B 111 9.42 11.23 -16.15
N ALA B 112 8.14 11.04 -16.44
CA ALA B 112 7.32 12.11 -16.99
C ALA B 112 7.17 13.30 -16.03
N ALA B 113 7.07 13.04 -14.72
CA ALA B 113 6.93 14.13 -13.72
C ALA B 113 8.15 15.06 -13.76
N LEU B 114 9.35 14.46 -13.80
CA LEU B 114 10.57 15.26 -13.83
C LEU B 114 10.63 16.11 -15.10
N LYS B 115 10.31 15.51 -16.26
CA LYS B 115 10.13 16.29 -17.51
C LYS B 115 9.14 17.45 -17.41
N ALA B 116 8.00 17.21 -16.77
CA ALA B 116 7.00 18.25 -16.52
C ALA B 116 7.56 19.42 -15.71
N TYR B 117 8.27 19.12 -14.61
CA TYR B 117 8.91 20.17 -13.80
C TYR B 117 9.88 20.96 -14.65
N GLU B 118 10.69 20.23 -15.42
CA GLU B 118 11.67 20.83 -16.33
C GLU B 118 11.04 21.71 -17.42
N GLN B 119 9.85 21.33 -17.91
CA GLN B 119 9.16 22.09 -18.96
C GLN B 119 8.55 23.38 -18.43
N ARG B 120 8.05 23.31 -17.20
CA ARG B 120 7.31 24.39 -16.53
C ARG B 120 8.20 25.33 -15.73
N GLY B 121 9.22 24.77 -15.10
CA GLY B 121 10.03 25.50 -14.13
C GLY B 121 9.30 25.74 -12.82
N PHE B 122 10.00 26.32 -11.85
CA PHE B 122 9.47 26.49 -10.50
C PHE B 122 9.01 27.93 -10.22
N PRO B 123 8.09 28.14 -9.25
CA PRO B 123 7.47 27.10 -8.40
C PRO B 123 6.27 26.52 -9.11
N LEU B 124 5.83 25.36 -8.64
CA LEU B 124 4.64 24.72 -9.19
C LEU B 124 3.91 23.97 -8.08
N ILE B 125 2.67 23.61 -8.36
CA ILE B 125 1.90 22.69 -7.51
C ILE B 125 1.84 21.31 -8.19
N ASP B 126 2.10 20.26 -7.44
CA ASP B 126 1.94 18.89 -7.96
C ASP B 126 0.96 18.19 -7.03
N LYS B 127 -0.18 17.78 -7.56
CA LYS B 127 -1.15 17.07 -6.74
C LYS B 127 -1.72 15.89 -7.51
N PRO B 128 -2.21 14.88 -6.79
CA PRO B 128 -2.79 13.73 -7.51
C PRO B 128 -4.24 14.04 -7.92
N PRO B 129 -4.81 13.24 -8.83
CA PRO B 129 -6.19 13.45 -9.24
C PRO B 129 -7.21 13.07 -8.19
N ILE B 130 -6.86 12.18 -7.27
CA ILE B 130 -7.77 11.82 -6.20
CA ILE B 130 -7.76 11.76 -6.21
C ILE B 130 -7.23 12.33 -4.89
N GLY B 131 -8.15 12.66 -4.00
CA GLY B 131 -7.81 13.17 -2.70
C GLY B 131 -8.70 14.34 -2.38
N SER B 132 -8.68 14.72 -1.11
CA SER B 132 -9.45 15.83 -0.60
C SER B 132 -8.70 16.31 0.62
N TRP B 133 -9.19 17.38 1.22
CA TRP B 133 -8.61 17.98 2.44
C TRP B 133 -7.17 18.43 2.32
N GLY B 134 -6.73 18.68 1.09
CA GLY B 134 -5.36 19.12 0.80
C GLY B 134 -4.35 18.00 0.74
N ARG B 135 -4.82 16.75 0.89
CA ARG B 135 -3.93 15.60 1.03
C ARG B 135 -3.03 15.42 -0.23
N LEU B 136 -1.71 15.37 0.00
CA LEU B 136 -0.67 15.26 -1.04
C LEU B 136 -0.61 16.40 -2.07
N VAL B 137 -1.23 17.54 -1.75
CA VAL B 137 -1.12 18.72 -2.63
C VAL B 137 0.22 19.37 -2.24
N SER B 138 1.16 19.36 -3.17
CA SER B 138 2.55 19.67 -2.81
C SER B 138 3.01 20.90 -3.56
N LEU B 139 3.65 21.80 -2.82
CA LEU B 139 4.27 23.00 -3.38
C LEU B 139 5.71 22.61 -3.73
N ILE B 140 6.08 22.76 -5.00
CA ILE B 140 7.40 22.37 -5.49
C ILE B 140 8.16 23.60 -5.99
N ARG B 141 9.24 23.92 -5.30
CA ARG B 141 9.89 25.21 -5.51
C ARG B 141 11.30 25.07 -6.06
N ASP B 142 11.81 23.85 -6.11
CA ASP B 142 13.13 23.57 -6.70
C ASP B 142 13.25 22.09 -7.04
N VAL B 143 14.35 21.70 -7.68
CA VAL B 143 14.52 20.33 -8.18
CA VAL B 143 14.52 20.33 -8.17
C VAL B 143 14.70 19.30 -7.04
N PHE B 144 15.26 19.73 -5.91
CA PHE B 144 15.46 18.83 -4.76
C PHE B 144 14.11 18.38 -4.20
N GLU B 145 13.24 19.37 -3.95
CA GLU B 145 11.88 19.10 -3.49
C GLU B 145 11.14 18.27 -4.53
N GLY B 146 11.29 18.64 -5.81
CA GLY B 146 10.65 17.89 -6.91
C GLY B 146 11.04 16.41 -6.90
N LYS B 147 12.34 16.14 -6.80
CA LYS B 147 12.85 14.74 -6.80
C LYS B 147 12.35 13.93 -5.61
N THR B 148 12.30 14.54 -4.43
CA THR B 148 11.86 13.79 -3.25
C THR B 148 10.36 13.54 -3.29
N ILE B 149 9.58 14.49 -3.81
CA ILE B 149 8.14 14.25 -3.98
C ILE B 149 7.89 13.13 -4.99
N ILE B 150 8.59 13.15 -6.11
CA ILE B 150 8.46 12.06 -7.09
C ILE B 150 8.69 10.70 -6.44
N GLU B 151 9.75 10.60 -5.64
CA GLU B 151 10.06 9.33 -4.99
C GLU B 151 8.95 8.89 -4.04
N HIS B 152 8.44 9.84 -3.25
CA HIS B 152 7.34 9.58 -2.34
C HIS B 152 6.08 9.10 -3.05
N ARG B 153 5.71 9.75 -4.17
CA ARG B 153 4.50 9.32 -4.89
C ARG B 153 4.64 7.87 -5.42
N GLU B 154 5.86 7.48 -5.77
CA GLU B 154 6.07 6.16 -6.36
C GLU B 154 5.75 5.01 -5.43
N LEU B 155 5.68 5.31 -4.14
CA LEU B 155 5.44 4.30 -3.12
C LEU B 155 3.98 4.29 -2.61
N MET B 156 3.09 5.00 -3.30
CA MET B 156 1.67 4.99 -2.95
C MET B 156 1.04 3.69 -3.39
N GLY B 157 0.03 3.23 -2.66
CA GLY B 157 -0.61 1.94 -2.96
C GLY B 157 -1.76 2.00 -3.95
N ASN B 158 -2.25 3.20 -4.21
CA ASN B 158 -3.30 3.45 -5.22
C ASN B 158 -2.62 4.09 -6.43
N SER B 159 -2.58 3.35 -7.53
CA SER B 159 -1.85 3.82 -8.71
C SER B 159 -2.36 5.16 -9.29
N ALA B 160 -3.60 5.53 -8.97
CA ALA B 160 -4.08 6.85 -9.37
C ALA B 160 -3.32 7.97 -8.64
N LEU B 161 -2.79 7.67 -7.45
CA LEU B 161 -2.00 8.66 -6.71
C LEU B 161 -0.63 8.87 -7.34
N LYS B 162 -0.27 8.00 -8.28
CA LYS B 162 0.99 8.12 -9.01
C LYS B 162 0.87 9.01 -10.25
N ALA B 163 -0.35 9.44 -10.58
CA ALA B 163 -0.54 10.38 -11.67
C ALA B 163 -0.32 11.79 -11.10
N HIS B 164 0.49 12.59 -11.77
CA HIS B 164 0.81 13.93 -11.27
C HIS B 164 0.09 14.98 -12.08
N ILE B 165 -0.62 15.86 -11.39
CA ILE B 165 -1.13 17.10 -12.02
C ILE B 165 -0.15 18.20 -11.63
N VAL B 166 0.61 18.65 -12.61
CA VAL B 166 1.67 19.63 -12.38
C VAL B 166 1.16 20.97 -12.90
N GLN B 167 1.00 21.96 -12.03
CA GLN B 167 0.34 23.17 -12.48
C GLN B 167 0.92 24.45 -11.92
N GLU B 168 0.53 25.55 -12.54
CA GLU B 168 0.97 26.86 -12.07
C GLU B 168 0.46 27.10 -10.66
N TYR B 169 1.27 27.81 -9.87
CA TYR B 169 0.89 28.17 -8.52
C TYR B 169 0.15 29.50 -8.56
N ILE B 170 -1.10 29.51 -8.09
CA ILE B 170 -1.94 30.70 -8.19
C ILE B 170 -2.37 31.08 -6.79
N GLN B 171 -1.72 32.11 -6.25
CA GLN B 171 -2.11 32.60 -4.94
C GLN B 171 -1.42 33.92 -4.66
N TYR B 172 -2.23 34.96 -4.48
CA TYR B 172 -1.67 36.24 -4.08
C TYR B 172 -2.55 36.97 -3.09
N LYS B 173 -3.63 36.31 -2.67
CA LYS B 173 -4.58 36.92 -1.73
C LYS B 173 -4.67 36.29 -0.35
N GLY B 174 -4.09 35.09 -0.20
CA GLY B 174 -4.07 34.39 1.06
C GLY B 174 -5.37 33.65 1.34
N ARG B 175 -6.05 33.23 0.28
CA ARG B 175 -7.33 32.53 0.44
C ARG B 175 -7.67 31.82 -0.86
N ASP B 176 -8.65 30.93 -0.81
CA ASP B 176 -9.35 30.57 -2.03
C ASP B 176 -10.85 30.77 -1.84
N ILE B 177 -11.62 30.57 -2.89
CA ILE B 177 -13.05 30.78 -2.80
C ILE B 177 -13.76 29.42 -2.91
N ARG B 178 -14.70 29.20 -2.01
CA ARG B 178 -15.51 27.99 -2.01
C ARG B 178 -16.97 28.43 -2.25
N CYS B 179 -17.60 27.88 -3.29
CA CYS B 179 -19.02 28.07 -3.56
C CYS B 179 -19.75 26.72 -3.50
N ILE B 180 -21.07 26.79 -3.35
CA ILE B 180 -21.93 25.62 -3.37
C ILE B 180 -23.05 25.92 -4.35
N ALA B 181 -23.42 24.92 -5.13
CA ALA B 181 -24.54 25.03 -6.07
C ALA B 181 -25.50 23.86 -5.81
N ILE B 182 -26.79 24.16 -5.88
CA ILE B 182 -27.84 23.15 -5.76
C ILE B 182 -28.72 23.31 -6.98
N GLY B 183 -28.94 22.21 -7.71
CA GLY B 183 -29.74 22.21 -8.94
C GLY B 183 -29.13 23.09 -10.03
N GLU B 184 -27.80 23.18 -10.05
CA GLU B 184 -27.03 24.04 -11.00
C GLU B 184 -27.30 25.55 -10.85
N GLU B 185 -27.79 25.95 -9.69
CA GLU B 185 -27.92 27.37 -9.35
C GLU B 185 -27.02 27.67 -8.18
N LEU B 186 -26.38 28.82 -8.22
CA LEU B 186 -25.50 29.24 -7.12
C LEU B 186 -26.24 29.42 -5.80
N LEU B 187 -25.76 28.76 -4.74
CA LEU B 187 -26.30 28.96 -3.41
C LEU B 187 -25.55 30.07 -2.66
N GLY B 188 -24.22 30.08 -2.81
CA GLY B 188 -23.43 31.10 -2.14
C GLY B 188 -21.96 30.77 -2.24
N CYS B 189 -21.13 31.71 -1.79
CA CYS B 189 -19.67 31.59 -1.83
C CYS B 189 -19.10 32.19 -0.57
N TYR B 190 -17.91 31.73 -0.20
CA TYR B 190 -17.20 32.37 0.88
C TYR B 190 -15.69 32.18 0.64
N ALA B 191 -14.89 32.84 1.46
CA ALA B 191 -13.45 32.74 1.37
C ALA B 191 -12.90 31.84 2.47
N ARG B 192 -12.01 30.93 2.10
CA ARG B 192 -11.25 30.13 3.08
C ARG B 192 -9.87 30.74 3.19
N ASN B 193 -9.56 31.36 4.33
CA ASN B 193 -8.30 32.08 4.52
C ASN B 193 -7.24 31.17 5.04
N ILE B 194 -6.09 31.17 4.36
CA ILE B 194 -4.94 30.32 4.68
C ILE B 194 -4.32 30.67 6.04
N PRO B 195 -4.16 29.65 6.92
CA PRO B 195 -3.60 29.94 8.25
C PRO B 195 -2.07 30.00 8.20
N PRO B 196 -1.45 30.59 9.25
CA PRO B 196 0.01 30.53 9.38
C PRO B 196 0.56 29.12 9.21
N ASN B 197 1.73 28.99 8.56
CA ASN B 197 2.40 27.70 8.35
C ASN B 197 1.71 26.77 7.37
N GLU B 198 0.82 27.33 6.54
CA GLU B 198 0.12 26.56 5.52
C GLU B 198 0.24 27.25 4.18
N TRP B 199 0.15 26.42 3.14
CA TRP B 199 0.03 26.87 1.75
C TRP B 199 -1.34 26.47 1.20
N ARG B 200 -2.13 25.79 2.02
CA ARG B 200 -3.39 25.27 1.56
C ARG B 200 -4.53 25.92 2.34
N ALA B 201 -5.67 26.12 1.68
CA ALA B 201 -6.76 26.88 2.28
C ALA B 201 -7.77 26.03 3.00
N ASN B 202 -7.66 24.70 2.89
CA ASN B 202 -8.74 23.84 3.41
C ASN B 202 -9.14 24.12 4.86
N VAL B 203 -10.44 24.17 5.11
CA VAL B 203 -10.96 24.29 6.48
C VAL B 203 -10.45 23.10 7.33
N ALA B 204 -10.38 21.92 6.72
CA ALA B 204 -9.81 20.74 7.39
C ALA B 204 -8.38 20.93 7.88
N LEU B 205 -7.66 21.87 7.28
CA LEU B 205 -6.28 22.16 7.64
C LEU B 205 -6.10 23.42 8.47
N GLY B 206 -7.20 24.04 8.90
CA GLY B 206 -7.13 25.27 9.68
C GLY B 206 -7.58 26.54 8.93
N GLY B 207 -7.95 26.38 7.66
CA GLY B 207 -8.50 27.48 6.87
C GLY B 207 -9.65 28.13 7.63
N THR B 208 -9.63 29.45 7.73
CA THR B 208 -10.67 30.16 8.47
C THR B 208 -11.68 30.82 7.51
N PRO B 209 -12.98 30.57 7.73
CA PRO B 209 -14.01 31.13 6.83
C PRO B 209 -14.28 32.61 7.00
N SER B 210 -14.47 33.33 5.91
CA SER B 210 -14.98 34.70 5.97
C SER B 210 -15.81 34.96 4.74
N ASN B 211 -16.70 35.95 4.83
CA ASN B 211 -17.58 36.27 3.70
C ASN B 211 -16.93 37.11 2.61
N ILE B 212 -17.49 37.06 1.39
CA ILE B 212 -17.04 37.88 0.27
C ILE B 212 -18.22 38.48 -0.48
N GLU B 213 -17.95 39.51 -1.27
CA GLU B 213 -18.94 39.98 -2.23
C GLU B 213 -18.86 39.07 -3.45
N VAL B 214 -20.02 38.58 -3.88
CA VAL B 214 -20.08 37.75 -5.06
C VAL B 214 -20.46 38.62 -6.26
N ASP B 215 -19.50 38.85 -7.16
CA ASP B 215 -19.76 39.66 -8.34
C ASP B 215 -20.24 38.77 -9.48
N GLU B 216 -20.71 39.41 -10.55
CA GLU B 216 -21.28 38.68 -11.66
C GLU B 216 -20.35 37.65 -12.30
N LYS B 217 -19.08 38.03 -12.52
CA LYS B 217 -18.12 37.15 -13.17
C LYS B 217 -17.93 35.87 -12.36
N LEU B 218 -17.94 35.99 -11.03
CA LEU B 218 -17.80 34.82 -10.15
C LEU B 218 -19.00 33.90 -10.29
N LYS B 219 -20.20 34.48 -10.22
CA LYS B 219 -21.43 33.70 -10.34
C LYS B 219 -21.46 32.95 -11.66
N GLU B 220 -21.12 33.65 -12.75
CA GLU B 220 -21.15 33.11 -14.11
C GLU B 220 -20.17 31.96 -14.25
N THR B 221 -19.00 32.13 -13.63
CA THR B 221 -17.97 31.10 -13.66
C THR B 221 -18.48 29.83 -12.98
N VAL B 222 -18.98 29.97 -11.74
CA VAL B 222 -19.49 28.83 -10.98
C VAL B 222 -20.63 28.15 -11.74
N VAL B 223 -21.60 28.93 -12.21
CA VAL B 223 -22.77 28.33 -12.84
C VAL B 223 -22.38 27.54 -14.09
N LYS B 224 -21.51 28.11 -14.92
CA LYS B 224 -21.06 27.42 -16.13
C LYS B 224 -20.32 26.11 -15.78
N ALA B 225 -19.44 26.18 -14.80
CA ALA B 225 -18.64 25.00 -14.37
C ALA B 225 -19.52 23.84 -13.91
N VAL B 226 -20.48 24.16 -13.05
CA VAL B 226 -21.45 23.18 -12.56
C VAL B 226 -22.36 22.60 -13.66
N SER B 227 -22.72 23.44 -14.63
CA SER B 227 -23.56 22.99 -15.72
C SER B 227 -22.81 22.04 -16.63
N ILE B 228 -21.51 22.27 -16.80
CA ILE B 228 -20.68 21.38 -17.62
C ILE B 228 -20.65 19.97 -17.02
N VAL B 229 -20.52 19.88 -15.70
CA VAL B 229 -20.35 18.59 -15.05
C VAL B 229 -21.68 17.97 -14.59
N HIS B 230 -22.74 18.77 -14.61
CA HIS B 230 -24.09 18.34 -14.25
C HIS B 230 -24.33 17.91 -12.79
N GLY B 231 -23.62 18.51 -11.85
CA GLY B 231 -23.85 18.19 -10.44
C GLY B 231 -25.13 18.82 -9.89
N GLU B 232 -25.88 18.06 -9.10
CA GLU B 232 -27.06 18.58 -8.40
C GLU B 232 -26.78 19.22 -7.06
N PHE B 233 -25.74 18.75 -6.36
CA PHE B 233 -25.39 19.36 -5.09
C PHE B 233 -23.88 19.24 -4.98
N VAL B 234 -23.16 20.29 -5.37
CA VAL B 234 -21.70 20.20 -5.45
C VAL B 234 -21.02 21.44 -4.90
N SER B 235 -19.78 21.30 -4.48
CA SER B 235 -18.98 22.47 -4.17
C SER B 235 -17.96 22.74 -5.26
N ILE B 236 -17.50 23.99 -5.30
CA ILE B 236 -16.55 24.42 -6.31
C ILE B 236 -15.47 25.23 -5.60
N ASP B 237 -14.21 24.95 -5.95
CA ASP B 237 -13.07 25.69 -5.44
C ASP B 237 -12.58 26.60 -6.56
N ILE B 238 -12.42 27.88 -6.23
CA ILE B 238 -11.89 28.85 -7.19
C ILE B 238 -10.66 29.59 -6.65
N LEU B 239 -9.67 29.77 -7.52
CA LEU B 239 -8.46 30.52 -7.22
C LEU B 239 -8.49 31.84 -7.97
N GLU B 240 -7.79 32.84 -7.42
CA GLU B 240 -7.80 34.19 -8.03
C GLU B 240 -6.42 34.48 -8.57
N HIS B 241 -6.33 34.60 -9.89
CA HIS B 241 -5.07 34.82 -10.60
C HIS B 241 -4.88 36.32 -10.80
N PRO B 242 -3.69 36.85 -10.49
CA PRO B 242 -3.40 38.28 -10.58
C PRO B 242 -3.70 38.90 -11.96
N ASN B 243 -3.58 38.13 -13.05
CA ASN B 243 -3.89 38.64 -14.40
C ASN B 243 -5.21 38.10 -14.94
N LYS B 244 -5.44 36.81 -14.72
CA LYS B 244 -6.56 36.08 -15.38
C LYS B 244 -7.88 36.09 -14.63
N GLY B 245 -7.87 36.50 -13.37
CA GLY B 245 -9.07 36.51 -12.53
C GLY B 245 -9.43 35.14 -12.02
N TYR B 246 -10.71 34.78 -12.13
CA TYR B 246 -11.18 33.55 -11.48
C TYR B 246 -10.81 32.32 -12.31
N VAL B 247 -10.23 31.34 -11.62
CA VAL B 247 -9.76 30.11 -12.23
C VAL B 247 -10.39 28.99 -11.42
N VAL B 248 -11.05 28.03 -12.08
CA VAL B 248 -11.66 26.91 -11.36
C VAL B 248 -10.60 25.86 -11.08
N ASN B 249 -10.43 25.54 -9.79
CA ASN B 249 -9.46 24.57 -9.35
C ASN B 249 -10.02 23.15 -9.22
N GLU B 250 -11.23 23.00 -8.66
CA GLU B 250 -11.85 21.67 -8.58
C GLU B 250 -13.33 21.78 -8.25
N LEU B 251 -14.02 20.67 -8.37
CA LEU B 251 -15.38 20.53 -7.87
C LEU B 251 -15.44 19.35 -6.95
N ASN B 252 -16.39 19.31 -6.04
CA ASN B 252 -16.48 18.19 -5.11
C ASN B 252 -17.88 17.64 -5.06
N ASP B 253 -17.98 16.30 -5.03
CA ASP B 253 -19.27 15.61 -5.17
C ASP B 253 -20.00 15.24 -3.88
N VAL B 254 -19.30 15.26 -2.74
CA VAL B 254 -19.93 15.06 -1.43
C VAL B 254 -19.54 16.24 -0.53
N PRO B 255 -20.16 17.38 -0.78
CA PRO B 255 -19.59 18.59 -0.15
C PRO B 255 -19.77 18.67 1.36
N GLU B 256 -18.75 19.17 2.03
CA GLU B 256 -18.88 19.52 3.43
C GLU B 256 -19.28 20.99 3.45
N PHE B 257 -19.87 21.45 4.54
CA PHE B 257 -20.42 22.81 4.57
C PHE B 257 -20.44 23.47 5.94
N LYS B 258 -19.67 22.97 6.91
CA LYS B 258 -19.60 23.65 8.22
C LYS B 258 -19.00 25.06 8.13
N GLY B 259 -17.96 25.19 7.32
CA GLY B 259 -17.34 26.49 7.05
C GLY B 259 -18.27 27.41 6.29
N PHE B 260 -18.94 26.84 5.29
CA PHE B 260 -19.90 27.59 4.47
C PHE B 260 -20.93 28.21 5.39
N MET B 261 -21.45 27.40 6.31
CA MET B 261 -22.49 27.88 7.25
C MET B 261 -22.01 29.01 8.16
N VAL B 262 -20.80 28.93 8.68
CA VAL B 262 -20.33 30.03 9.55
C VAL B 262 -20.14 31.33 8.75
N ALA B 263 -19.78 31.22 7.48
CA ALA B 263 -19.52 32.44 6.72
C ALA B 263 -20.78 33.07 6.15
N THR B 264 -21.72 32.26 5.68
CA THR B 264 -22.86 32.75 4.86
C THR B 264 -24.20 32.82 5.61
N ASN B 265 -24.24 32.15 6.75
CA ASN B 265 -25.47 31.83 7.51
C ASN B 265 -26.54 31.08 6.74
N ILE B 266 -26.16 30.38 5.68
CA ILE B 266 -27.11 29.63 4.88
C ILE B 266 -27.37 28.25 5.51
N ASN B 267 -28.64 27.91 5.70
CA ASN B 267 -29.02 26.57 6.14
C ASN B 267 -28.95 25.64 4.93
N VAL B 268 -27.76 25.14 4.65
CA VAL B 268 -27.50 24.28 3.48
C VAL B 268 -28.38 23.01 3.48
N ALA B 269 -28.48 22.34 4.62
CA ALA B 269 -29.32 21.13 4.71
C ALA B 269 -30.80 21.43 4.41
N GLN B 270 -31.29 22.58 4.86
CA GLN B 270 -32.68 22.98 4.57
C GLN B 270 -32.88 23.27 3.09
N LYS B 271 -31.93 23.98 2.48
CA LYS B 271 -32.01 24.27 1.03
C LYS B 271 -31.99 23.00 0.19
N LEU B 272 -31.18 22.03 0.59
CA LEU B 272 -31.13 20.74 -0.11
C LEU B 272 -32.48 20.00 -0.03
N VAL B 273 -33.04 19.91 1.17
CA VAL B 273 -34.27 19.15 1.40
C VAL B 273 -35.39 19.87 0.64
N GLU B 274 -35.40 21.19 0.69
CA GLU B 274 -36.39 21.95 -0.10
C GLU B 274 -36.29 21.64 -1.57
N TYR B 275 -35.07 21.66 -2.12
CA TYR B 275 -34.84 21.34 -3.51
C TYR B 275 -35.37 19.93 -3.87
N ILE B 276 -35.09 18.96 -3.02
CA ILE B 276 -35.54 17.57 -3.23
C ILE B 276 -37.06 17.48 -3.26
N LYS B 277 -37.71 18.12 -2.28
CA LYS B 277 -39.18 18.14 -2.23
C LYS B 277 -39.78 18.84 -3.44
N GLU B 278 -39.14 19.93 -3.87
CA GLU B 278 -39.57 20.71 -5.04
C GLU B 278 -39.55 19.88 -6.31
N ASN B 279 -38.51 19.07 -6.46
CA ASN B 279 -38.28 18.44 -7.75
C ASN B 279 -38.61 16.94 -7.85
N TYR B 280 -38.76 16.27 -6.70
CA TYR B 280 -38.89 14.80 -6.65
C TYR B 280 -40.08 14.29 -5.81
N SER B 281 -40.98 15.19 -5.40
CA SER B 281 -42.14 14.76 -4.61
C SER B 281 -42.99 13.77 -5.42
N LYS B 282 -43.50 12.79 -4.69
CA LYS B 282 -44.34 11.71 -5.20
C LYS B 282 -45.27 11.32 -4.06
N MET C 1 14.79 4.36 42.51
CA MET C 1 14.52 3.81 41.16
C MET C 1 13.53 4.69 40.42
N ARG C 2 13.81 4.99 39.16
CA ARG C 2 12.88 5.74 38.35
C ARG C 2 12.52 4.90 37.13
N VAL C 3 11.22 4.75 36.86
CA VAL C 3 10.73 3.94 35.75
C VAL C 3 10.10 4.86 34.71
N VAL C 4 10.27 4.52 33.44
CA VAL C 4 9.51 5.18 32.40
C VAL C 4 8.66 4.13 31.72
N LEU C 5 7.37 4.43 31.61
CA LEU C 5 6.41 3.60 30.89
C LEU C 5 6.16 4.22 29.49
N ILE C 6 6.49 3.48 28.43
CA ILE C 6 6.41 3.94 27.05
C ILE C 6 5.14 3.41 26.40
N VAL C 7 4.28 4.32 25.93
CA VAL C 7 2.97 3.93 25.41
C VAL C 7 2.67 4.70 24.12
N ASP C 8 1.69 4.22 23.37
CA ASP C 8 1.06 5.05 22.33
C ASP C 8 -0.45 5.13 22.54
N ILE C 9 -1.12 3.99 22.50
CA ILE C 9 -2.54 3.88 22.86
C ILE C 9 -2.57 3.17 24.19
N VAL C 10 -3.18 3.79 25.21
CA VAL C 10 -3.20 3.18 26.54
C VAL C 10 -4.37 2.21 26.69
N ARG C 11 -4.07 0.92 26.60
CA ARG C 11 -5.07 -0.15 26.76
C ARG C 11 -5.24 -0.45 28.25
N GLN C 12 -6.10 -1.42 28.57
CA GLN C 12 -6.30 -1.80 29.95
C GLN C 12 -4.97 -2.27 30.54
N GLU C 13 -4.19 -3.00 29.75
CA GLU C 13 -2.87 -3.47 30.26
C GLU C 13 -1.98 -2.31 30.73
N GLU C 14 -1.85 -1.27 29.92
CA GLU C 14 -1.00 -0.14 30.30
C GLU C 14 -1.56 0.60 31.49
N LYS C 15 -2.88 0.68 31.59
CA LYS C 15 -3.47 1.34 32.77
C LYS C 15 -3.20 0.51 34.02
N LEU C 16 -3.27 -0.82 33.89
CA LEU C 16 -3.02 -1.68 35.05
C LEU C 16 -1.54 -1.63 35.47
N ILE C 17 -0.62 -1.53 34.51
CA ILE C 17 0.81 -1.34 34.84
C ILE C 17 1.06 0.00 35.55
N ALA C 18 0.53 1.10 35.00
CA ALA C 18 0.61 2.42 35.64
C ALA C 18 0.07 2.36 37.08
N LYS C 19 -1.12 1.76 37.27
CA LYS C 19 -1.69 1.55 38.61
C LYS C 19 -0.75 0.77 39.57
N ALA C 20 -0.17 -0.32 39.09
CA ALA C 20 0.74 -1.11 39.93
C ALA C 20 2.00 -0.35 40.30
N LEU C 21 2.48 0.49 39.38
CA LEU C 21 3.62 1.35 39.65
C LEU C 21 3.27 2.29 40.81
N GLU C 22 2.13 2.96 40.66
CA GLU C 22 1.60 3.87 41.69
C GLU C 22 1.42 3.19 43.06
N GLU C 23 0.82 2.00 43.07
CA GLU C 23 0.51 1.31 44.34
C GLU C 23 1.72 0.69 45.03
N ASN C 24 2.79 0.42 44.27
CA ASN C 24 4.02 -0.13 44.86
C ASN C 24 5.09 0.94 45.15
N LYS C 25 4.67 2.21 45.12
CA LYS C 25 5.50 3.38 45.46
C LYS C 25 6.72 3.48 44.57
N VAL C 26 6.52 3.20 43.28
CA VAL C 26 7.60 3.35 42.33
C VAL C 26 7.45 4.67 41.62
N GLN C 27 8.52 5.46 41.60
CA GLN C 27 8.49 6.72 40.89
C GLN C 27 8.53 6.42 39.41
N TYR C 28 7.61 7.03 38.65
CA TYR C 28 7.53 6.72 37.23
C TYR C 28 6.99 7.88 36.42
N ASP C 29 7.42 7.93 35.16
CA ASP C 29 6.90 8.86 34.16
C ASP C 29 6.28 8.05 33.03
N ILE C 30 5.35 8.68 32.31
CA ILE C 30 4.78 8.09 31.09
C ILE C 30 5.28 8.95 29.94
N ILE C 31 5.81 8.31 28.90
CA ILE C 31 6.10 9.02 27.65
C ILE C 31 5.24 8.42 26.57
N ASN C 32 4.43 9.24 25.91
CA ASN C 32 3.65 8.77 24.80
C ASN C 32 4.41 9.03 23.50
N VAL C 33 4.85 7.95 22.87
CA VAL C 33 5.69 8.04 21.67
C VAL C 33 4.91 8.22 20.37
N ALA C 34 3.59 8.27 20.48
CA ALA C 34 2.76 8.75 19.39
C ALA C 34 2.64 10.28 19.46
N GLN C 35 3.10 10.88 20.56
CA GLN C 35 3.03 12.33 20.73
C GLN C 35 4.39 13.02 20.76
N GLU C 36 5.37 12.41 21.40
CA GLU C 36 6.67 13.03 21.65
C GLU C 36 7.80 12.37 20.86
N PRO C 37 8.68 13.18 20.25
CA PRO C 37 9.84 12.55 19.64
C PRO C 37 10.87 12.19 20.70
N LEU C 38 11.78 11.27 20.34
CA LEU C 38 12.83 10.81 21.27
C LEU C 38 14.20 11.08 20.66
N PRO C 39 14.98 11.98 21.29
CA PRO C 39 16.30 12.24 20.72
C PRO C 39 17.30 11.16 21.09
N PHE C 40 18.32 10.97 20.24
CA PHE C 40 19.49 10.19 20.62
C PHE C 40 20.38 11.16 21.36
N ASN C 41 20.22 11.19 22.67
CA ASN C 41 21.17 11.87 23.52
C ASN C 41 21.16 11.24 24.90
N LYS C 42 21.73 11.91 25.89
CA LYS C 42 21.90 11.29 27.19
C LYS C 42 20.80 11.67 28.19
N ALA C 43 19.83 12.48 27.77
CA ALA C 43 18.70 12.91 28.61
C ALA C 43 17.93 11.76 29.26
N LEU C 44 17.53 10.78 28.43
CA LEU C 44 16.71 9.65 28.88
C LEU C 44 17.42 8.75 29.90
N GLY C 45 18.71 8.97 30.08
CA GLY C 45 19.51 8.23 31.05
C GLY C 45 19.11 8.43 32.50
N ARG C 46 18.21 9.37 32.74
CA ARG C 46 17.65 9.64 34.08
C ARG C 46 16.78 8.46 34.56
N TYR C 47 16.25 7.68 33.61
CA TYR C 47 15.48 6.47 33.91
C TYR C 47 16.35 5.23 34.12
N ASP C 48 16.00 4.46 35.14
CA ASP C 48 16.68 3.21 35.44
C ASP C 48 16.15 2.08 34.55
N VAL C 49 14.84 2.11 34.27
CA VAL C 49 14.18 1.01 33.57
C VAL C 49 13.07 1.59 32.73
N ALA C 50 12.91 1.03 31.53
CA ALA C 50 11.77 1.40 30.67
C ALA C 50 10.91 0.18 30.45
N ILE C 51 9.59 0.35 30.57
CA ILE C 51 8.64 -0.73 30.26
C ILE C 51 8.04 -0.33 28.91
N ILE C 52 8.30 -1.15 27.89
CA ILE C 52 7.97 -0.80 26.52
C ILE C 52 6.61 -1.39 26.16
N ARG C 53 5.63 -0.53 25.96
CA ARG C 53 4.23 -0.98 25.80
C ARG C 53 3.47 -0.38 24.61
N PRO C 54 4.15 0.23 23.63
CA PRO C 54 3.32 0.68 22.48
C PRO C 54 2.66 -0.50 21.77
N VAL C 55 1.48 -0.24 21.17
CA VAL C 55 0.71 -1.24 20.46
C VAL C 55 1.34 -1.55 19.10
N SER C 56 1.99 -0.55 18.51
CA SER C 56 2.66 -0.68 17.21
C SER C 56 4.03 -1.34 17.41
N MET C 57 4.30 -2.42 16.68
CA MET C 57 5.61 -3.11 16.75
C MET C 57 6.79 -2.17 16.49
N TYR C 58 6.70 -1.35 15.45
CA TYR C 58 7.76 -0.41 15.09
CA TYR C 58 7.81 -0.48 15.12
C TYR C 58 8.01 0.59 16.20
N ARG C 59 6.93 1.03 16.85
CA ARG C 59 7.07 2.03 17.93
C ARG C 59 7.73 1.39 19.14
N ALA C 60 7.39 0.13 19.41
CA ALA C 60 8.02 -0.58 20.52
C ALA C 60 9.50 -0.79 20.21
N LEU C 61 9.80 -1.28 19.01
CA LEU C 61 11.20 -1.55 18.64
C LEU C 61 12.06 -0.30 18.68
N TYR C 62 11.61 0.76 18.04
CA TYR C 62 12.43 1.99 17.97
C TYR C 62 12.50 2.80 19.29
N SER C 63 11.41 2.87 20.07
CA SER C 63 11.49 3.47 21.41
C SER C 63 12.48 2.71 22.29
N SER C 64 12.44 1.37 22.24
CA SER C 64 13.41 0.55 23.02
C SER C 64 14.84 0.88 22.64
N ALA C 65 15.08 0.97 21.33
CA ALA C 65 16.41 1.23 20.79
C ALA C 65 16.93 2.59 21.22
N VAL C 66 16.10 3.61 21.17
CA VAL C 66 16.53 4.96 21.60
C VAL C 66 16.84 4.99 23.11
N LEU C 67 16.01 4.34 23.92
CA LEU C 67 16.23 4.31 25.36
C LEU C 67 17.50 3.54 25.69
N GLU C 68 17.72 2.43 25.02
CA GLU C 68 18.95 1.64 25.21
C GLU C 68 20.21 2.44 24.87
N ALA C 69 20.11 3.28 23.84
CA ALA C 69 21.23 4.14 23.44
C ALA C 69 21.65 5.09 24.56
N ALA C 70 20.67 5.49 25.38
CA ALA C 70 20.87 6.36 26.53
C ALA C 70 21.30 5.60 27.78
N GLY C 71 21.42 4.28 27.66
CA GLY C 71 21.81 3.42 28.81
C GLY C 71 20.68 2.95 29.71
N VAL C 72 19.43 3.16 29.28
CA VAL C 72 18.26 2.69 30.04
C VAL C 72 18.09 1.19 29.79
N HIS C 73 17.90 0.39 30.85
CA HIS C 73 17.50 -1.00 30.61
C HIS C 73 16.04 -1.09 30.18
N THR C 74 15.80 -1.67 29.00
CA THR C 74 14.41 -1.78 28.54
C THR C 74 13.85 -3.19 28.66
N ILE C 75 12.58 -3.23 29.04
CA ILE C 75 11.80 -4.45 29.15
C ILE C 75 10.61 -4.34 28.18
N ASN C 76 10.63 -5.05 27.04
CA ASN C 76 11.74 -5.89 26.59
C ASN C 76 12.83 -5.14 25.82
N SER C 77 13.98 -5.79 25.64
CA SER C 77 15.08 -5.18 24.88
C SER C 77 14.77 -5.13 23.38
N SER C 78 15.44 -4.24 22.65
CA SER C 78 15.22 -4.11 21.21
C SER C 78 15.51 -5.41 20.46
N ASP C 79 16.52 -6.18 20.88
CA ASP C 79 16.77 -7.44 20.17
C ASP C 79 15.69 -8.49 20.44
N VAL C 80 15.14 -8.50 21.65
CA VAL C 80 14.04 -9.40 21.97
C VAL C 80 12.81 -9.00 21.15
N ILE C 81 12.56 -7.70 21.07
CA ILE C 81 11.41 -7.24 20.29
C ILE C 81 11.58 -7.63 18.81
N ASN C 82 12.78 -7.45 18.28
CA ASN C 82 13.02 -7.83 16.90
C ASN C 82 12.79 -9.32 16.65
N VAL C 83 13.32 -10.16 17.52
CA VAL C 83 13.22 -11.60 17.33
C VAL C 83 11.79 -12.12 17.59
N CYS C 84 11.21 -11.76 18.73
CA CYS C 84 9.84 -12.22 19.04
C CYS C 84 8.81 -11.62 18.09
N GLY C 85 9.09 -10.45 17.52
CA GLY C 85 8.15 -9.80 16.60
C GLY C 85 8.09 -10.47 15.25
N ASP C 86 9.05 -11.34 14.99
CA ASP C 86 9.15 -12.00 13.71
C ASP C 86 9.16 -13.53 13.84
N LYS C 87 8.13 -14.18 13.31
CA LYS C 87 8.02 -15.64 13.49
C LYS C 87 9.16 -16.45 12.89
N ILE C 88 9.68 -16.01 11.73
CA ILE C 88 10.80 -16.70 11.10
C ILE C 88 12.06 -16.64 12.00
N LEU C 89 12.35 -15.44 12.50
CA LEU C 89 13.50 -15.29 13.41
C LEU C 89 13.35 -16.09 14.69
N THR C 90 12.14 -16.06 15.26
CA THR C 90 11.83 -16.89 16.43
C THR C 90 12.00 -18.38 16.12
N TYR C 91 11.36 -18.86 15.06
CA TYR C 91 11.47 -20.29 14.71
C TYR C 91 12.93 -20.70 14.49
N SER C 92 13.71 -19.81 13.87
CA SER C 92 15.11 -20.08 13.60
C SER C 92 15.86 -20.34 14.91
N LYS C 93 15.65 -19.47 15.90
CA LYS C 93 16.37 -19.63 17.19
C LYS C 93 15.93 -20.90 17.90
N LEU C 94 14.61 -21.16 17.85
CA LEU C 94 14.05 -22.32 18.56
C LEU C 94 14.48 -23.64 17.93
N TYR C 95 14.41 -23.70 16.60
CA TYR C 95 14.74 -24.93 15.88
C TYR C 95 16.22 -25.32 16.11
N ARG C 96 17.10 -24.34 16.06
CA ARG C 96 18.53 -24.56 16.25
C ARG C 96 18.83 -25.21 17.59
N GLU C 97 18.03 -24.89 18.61
CA GLU C 97 18.25 -25.43 19.97
C GLU C 97 17.46 -26.71 20.27
N GLY C 98 16.62 -27.13 19.33
CA GLY C 98 15.90 -28.38 19.47
C GLY C 98 14.56 -28.22 20.17
N ILE C 99 14.04 -27.00 20.19
CA ILE C 99 12.69 -26.79 20.68
C ILE C 99 11.70 -27.10 19.56
N PRO C 100 10.71 -27.97 19.82
CA PRO C 100 9.75 -28.33 18.79
C PRO C 100 8.96 -27.12 18.27
N ILE C 101 8.85 -27.03 16.95
CA ILE C 101 8.03 -25.99 16.31
C ILE C 101 7.16 -26.69 15.27
N PRO C 102 6.11 -26.02 14.79
CA PRO C 102 5.38 -26.71 13.72
C PRO C 102 6.28 -26.92 12.52
N ASP C 103 6.10 -28.04 11.83
CA ASP C 103 6.89 -28.32 10.60
C ASP C 103 6.67 -27.18 9.61
N SER C 104 7.75 -26.48 9.22
CA SER C 104 7.61 -25.21 8.48
C SER C 104 8.52 -25.13 7.27
N ILE C 105 8.01 -24.51 6.21
CA ILE C 105 8.77 -24.27 4.99
C ILE C 105 8.62 -22.78 4.71
N ILE C 106 9.75 -22.11 4.49
CA ILE C 106 9.74 -20.67 4.19
C ILE C 106 9.78 -20.41 2.67
N ALA C 107 8.82 -19.64 2.18
CA ALA C 107 8.75 -19.30 0.75
C ALA C 107 8.81 -17.78 0.55
N LEU C 108 9.74 -17.33 -0.28
CA LEU C 108 10.05 -15.89 -0.32
C LEU C 108 9.69 -15.25 -1.63
N SER C 109 8.83 -15.95 -2.37
CA SER C 109 8.29 -15.42 -3.63
C SER C 109 7.01 -16.14 -3.92
N ALA C 110 6.22 -15.59 -4.84
CA ALA C 110 5.05 -16.28 -5.30
C ALA C 110 5.36 -17.65 -5.90
N GLU C 111 6.39 -17.71 -6.75
CA GLU C 111 6.82 -18.97 -7.32
C GLU C 111 7.21 -19.98 -6.23
N ALA C 112 7.93 -19.53 -5.21
CA ALA C 112 8.41 -20.47 -4.18
C ALA C 112 7.26 -20.89 -3.28
N ALA C 113 6.26 -20.04 -3.11
CA ALA C 113 5.11 -20.38 -2.26
C ALA C 113 4.30 -21.52 -2.91
N LEU C 114 4.12 -21.45 -4.22
CA LEU C 114 3.39 -22.51 -4.91
C LEU C 114 4.14 -23.83 -4.82
N LYS C 115 5.46 -23.79 -4.99
CA LYS C 115 6.30 -24.97 -4.79
C LYS C 115 6.19 -25.57 -3.38
N ALA C 116 6.16 -24.69 -2.37
CA ALA C 116 6.04 -25.13 -0.99
C ALA C 116 4.68 -25.81 -0.73
N TYR C 117 3.58 -25.28 -1.31
CA TYR C 117 2.26 -25.90 -1.20
C TYR C 117 2.28 -27.31 -1.80
N GLU C 118 2.97 -27.44 -2.94
CA GLU C 118 3.16 -28.72 -3.63
C GLU C 118 3.97 -29.70 -2.79
N GLN C 119 5.00 -29.21 -2.09
CA GLN C 119 5.82 -30.02 -1.17
C GLN C 119 5.04 -30.54 0.06
N ARG C 120 4.28 -29.65 0.65
CA ARG C 120 3.60 -29.91 1.91
C ARG C 120 2.29 -30.70 1.69
N GLY C 121 1.57 -30.38 0.62
CA GLY C 121 0.21 -30.84 0.37
C GLY C 121 -0.85 -30.14 1.22
N PHE C 122 -2.12 -30.38 0.91
CA PHE C 122 -3.24 -29.72 1.61
C PHE C 122 -3.96 -30.66 2.60
N PRO C 123 -4.58 -30.12 3.67
CA PRO C 123 -4.59 -28.70 4.03
C PRO C 123 -3.27 -28.28 4.68
N LEU C 124 -3.03 -26.97 4.69
CA LEU C 124 -1.82 -26.43 5.31
C LEU C 124 -2.13 -25.06 5.90
N ILE C 125 -1.25 -24.58 6.76
CA ILE C 125 -1.38 -23.21 7.27
C ILE C 125 -0.36 -22.34 6.57
N ASP C 126 -0.78 -21.19 6.06
CA ASP C 126 0.18 -20.22 5.49
C ASP C 126 -0.02 -18.90 6.21
N LYS C 127 1.03 -18.46 6.91
CA LYS C 127 0.97 -17.17 7.61
C LYS C 127 2.21 -16.35 7.34
N PRO C 128 2.10 -15.01 7.47
CA PRO C 128 3.34 -14.24 7.29
C PRO C 128 4.10 -14.16 8.63
N PRO C 129 5.33 -13.64 8.59
CA PRO C 129 6.14 -13.65 9.79
C PRO C 129 5.77 -12.53 10.77
N ILE C 130 4.98 -11.56 10.31
CA ILE C 130 4.56 -10.47 11.21
C ILE C 130 3.03 -10.43 11.30
N GLY C 131 2.51 -9.96 12.43
CA GLY C 131 1.08 -9.85 12.61
C GLY C 131 0.67 -10.36 13.97
N SER C 132 -0.52 -9.96 14.38
CA SER C 132 -1.07 -10.36 15.67
C SER C 132 -2.55 -10.61 15.43
N TRP C 133 -3.22 -11.17 16.43
CA TRP C 133 -4.67 -11.36 16.43
C TRP C 133 -5.18 -12.24 15.29
N GLY C 134 -4.30 -13.12 14.81
CA GLY C 134 -4.66 -14.11 13.79
C GLY C 134 -4.59 -13.57 12.37
N ARG C 135 -4.13 -12.34 12.22
CA ARG C 135 -4.19 -11.63 10.95
C ARG C 135 -3.36 -12.30 9.85
N LEU C 136 -4.05 -12.60 8.76
CA LEU C 136 -3.53 -13.31 7.57
C LEU C 136 -3.04 -14.74 7.87
N VAL C 137 -3.43 -15.31 9.01
CA VAL C 137 -3.15 -16.73 9.23
C VAL C 137 -4.23 -17.54 8.48
N SER C 138 -3.84 -18.18 7.38
CA SER C 138 -4.82 -18.78 6.46
C SER C 138 -4.77 -20.30 6.47
N LEU C 139 -5.92 -20.94 6.58
CA LEU C 139 -5.99 -22.39 6.44
C LEU C 139 -6.26 -22.68 4.96
N ILE C 140 -5.24 -23.15 4.26
CA ILE C 140 -5.35 -23.38 2.79
C ILE C 140 -5.75 -24.82 2.51
N ARG C 141 -6.90 -25.00 1.86
CA ARG C 141 -7.49 -26.31 1.65
C ARG C 141 -7.22 -26.94 0.30
N ASP C 142 -6.94 -26.10 -0.69
CA ASP C 142 -6.63 -26.57 -2.05
C ASP C 142 -5.90 -25.51 -2.85
N VAL C 143 -5.48 -25.90 -4.06
CA VAL C 143 -4.64 -25.03 -4.88
CA VAL C 143 -4.67 -25.06 -4.94
C VAL C 143 -5.37 -23.76 -5.33
N PHE C 144 -6.70 -23.81 -5.44
CA PHE C 144 -7.41 -22.63 -5.83
C PHE C 144 -7.24 -21.57 -4.74
N GLU C 145 -7.46 -21.99 -3.50
CA GLU C 145 -7.33 -21.07 -2.37
C GLU C 145 -5.89 -20.59 -2.26
N GLY C 146 -4.93 -21.52 -2.37
CA GLY C 146 -3.51 -21.18 -2.38
C GLY C 146 -3.15 -20.12 -3.39
N LYS C 147 -3.58 -20.30 -4.64
CA LYS C 147 -3.28 -19.32 -5.67
C LYS C 147 -3.83 -17.93 -5.38
N THR C 148 -5.07 -17.86 -4.88
CA THR C 148 -5.65 -16.54 -4.56
C THR C 148 -4.94 -15.89 -3.39
N ILE C 149 -4.55 -16.69 -2.40
CA ILE C 149 -3.80 -16.13 -1.29
C ILE C 149 -2.43 -15.56 -1.72
N ILE C 150 -1.72 -16.28 -2.59
CA ILE C 150 -0.45 -15.78 -3.09
C ILE C 150 -0.63 -14.46 -3.79
N GLU C 151 -1.67 -14.38 -4.60
CA GLU C 151 -1.94 -13.18 -5.37
C GLU C 151 -2.23 -11.99 -4.47
N HIS C 152 -3.06 -12.18 -3.45
CA HIS C 152 -3.36 -11.09 -2.50
C HIS C 152 -2.11 -10.58 -1.78
N ARG C 153 -1.31 -11.51 -1.27
CA ARG C 153 -0.10 -11.10 -0.55
C ARG C 153 0.96 -10.41 -1.39
N GLU C 154 1.03 -10.76 -2.68
CA GLU C 154 1.93 -10.04 -3.62
C GLU C 154 1.60 -8.57 -3.75
N LEU C 155 0.33 -8.24 -3.54
CA LEU C 155 -0.17 -6.86 -3.69
C LEU C 155 -0.13 -6.02 -2.40
N MET C 156 0.45 -6.56 -1.33
CA MET C 156 0.53 -5.79 -0.09
C MET C 156 1.77 -4.88 -0.01
N GLY C 157 1.69 -3.88 0.87
CA GLY C 157 2.69 -2.80 0.91
C GLY C 157 3.90 -3.01 1.80
N ASN C 158 3.92 -4.12 2.55
CA ASN C 158 5.02 -4.45 3.45
C ASN C 158 5.63 -5.76 2.97
N SER C 159 6.88 -5.69 2.51
CA SER C 159 7.59 -6.85 1.96
C SER C 159 7.66 -8.05 2.90
N ALA C 160 7.63 -7.83 4.21
CA ALA C 160 7.61 -8.97 5.15
C ALA C 160 6.32 -9.80 4.93
N LEU C 161 5.25 -9.12 4.48
CA LEU C 161 3.99 -9.82 4.22
C LEU C 161 4.04 -10.72 3.00
N LYS C 162 5.11 -10.63 2.22
CA LYS C 162 5.37 -11.50 1.07
C LYS C 162 6.14 -12.77 1.39
N ALA C 163 6.62 -12.85 2.62
CA ALA C 163 7.24 -14.06 3.07
C ALA C 163 6.16 -15.01 3.62
N HIS C 164 6.16 -16.22 3.08
CA HIS C 164 5.15 -17.20 3.49
C HIS C 164 5.79 -18.23 4.40
N ILE C 165 5.19 -18.39 5.58
CA ILE C 165 5.48 -19.51 6.44
C ILE C 165 4.45 -20.61 6.21
N VAL C 166 4.88 -21.66 5.52
CA VAL C 166 4.00 -22.77 5.11
C VAL C 166 4.15 -23.93 6.06
N GLN C 167 3.11 -24.19 6.85
CA GLN C 167 3.19 -25.09 8.02
C GLN C 167 2.20 -26.22 7.95
N GLU C 168 2.56 -27.33 8.57
CA GLU C 168 1.58 -28.35 8.88
C GLU C 168 0.43 -27.74 9.70
N TYR C 169 -0.79 -28.18 9.40
CA TYR C 169 -1.97 -27.78 10.15
C TYR C 169 -2.14 -28.73 11.34
N ILE C 170 -2.04 -28.18 12.55
CA ILE C 170 -2.11 -29.00 13.75
C ILE C 170 -3.55 -28.93 14.24
N GLN C 171 -4.19 -30.08 14.36
CA GLN C 171 -5.61 -30.10 14.71
C GLN C 171 -5.75 -31.24 15.69
N TYR C 172 -5.89 -30.92 16.97
CA TYR C 172 -5.78 -31.96 17.99
C TYR C 172 -6.73 -31.72 19.16
N LYS C 173 -6.57 -30.59 19.84
CA LYS C 173 -7.31 -30.31 21.06
C LYS C 173 -8.35 -29.20 20.92
N GLY C 174 -8.37 -28.53 19.77
CA GLY C 174 -9.35 -27.49 19.51
C GLY C 174 -9.03 -26.23 20.32
N ARG C 175 -7.76 -26.04 20.63
CA ARG C 175 -7.38 -24.92 21.48
C ARG C 175 -5.91 -24.66 21.25
N ASP C 176 -5.43 -23.53 21.73
CA ASP C 176 -4.00 -23.44 21.94
C ASP C 176 -3.74 -23.02 23.38
N ILE C 177 -2.47 -22.97 23.75
CA ILE C 177 -2.05 -22.72 25.13
C ILE C 177 -1.28 -21.42 25.15
N ARG C 178 -1.65 -20.52 26.05
CA ARG C 178 -1.02 -19.21 26.16
C ARG C 178 -0.36 -19.10 27.54
N CYS C 179 0.95 -18.86 27.54
CA CYS C 179 1.73 -18.74 28.79
C CYS C 179 2.39 -17.36 28.90
N ILE C 180 2.65 -16.94 30.13
CA ILE C 180 3.41 -15.73 30.41
C ILE C 180 4.64 -16.10 31.23
N ALA C 181 5.77 -15.47 30.89
CA ALA C 181 7.01 -15.60 31.67
C ALA C 181 7.52 -14.22 32.03
N ILE C 182 8.03 -14.09 33.28
CA ILE C 182 8.65 -12.86 33.74
C ILE C 182 10.01 -13.25 34.34
N GLY C 183 11.08 -12.58 33.90
CA GLY C 183 12.42 -12.95 34.32
C GLY C 183 12.80 -14.37 33.97
N GLU C 184 12.27 -14.88 32.85
CA GLU C 184 12.48 -16.28 32.45
C GLU C 184 11.93 -17.31 33.45
N GLU C 185 11.01 -16.87 34.29
CA GLU C 185 10.27 -17.80 35.15
C GLU C 185 8.83 -17.84 34.67
N LEU C 186 8.25 -19.04 34.65
CA LEU C 186 6.88 -19.19 34.16
C LEU C 186 5.87 -18.63 35.19
N LEU C 187 5.04 -17.68 34.75
CA LEU C 187 4.02 -17.07 35.60
C LEU C 187 2.80 -17.99 35.63
N GLY C 188 2.45 -18.51 34.45
CA GLY C 188 1.43 -19.53 34.33
C GLY C 188 0.95 -19.65 32.89
N CYS C 189 -0.03 -20.52 32.66
CA CYS C 189 -0.59 -20.78 31.32
C CYS C 189 -2.10 -20.97 31.41
N TYR C 190 -2.80 -20.73 30.29
CA TYR C 190 -4.19 -21.12 30.19
C TYR C 190 -4.49 -21.56 28.77
N ALA C 191 -5.68 -22.07 28.51
CA ALA C 191 -6.06 -22.50 27.16
C ALA C 191 -7.02 -21.48 26.50
N ARG C 192 -6.80 -21.22 25.22
CA ARG C 192 -7.73 -20.42 24.40
C ARG C 192 -8.45 -21.42 23.50
N ASN C 193 -9.75 -21.56 23.71
CA ASN C 193 -10.55 -22.52 22.94
C ASN C 193 -11.10 -21.93 21.65
N ILE C 194 -10.97 -22.68 20.55
CA ILE C 194 -11.38 -22.18 19.24
C ILE C 194 -12.90 -22.16 19.21
N PRO C 195 -13.48 -21.01 18.85
CA PRO C 195 -14.94 -20.91 18.83
C PRO C 195 -15.51 -21.44 17.53
N PRO C 196 -16.85 -21.65 17.46
CA PRO C 196 -17.47 -22.06 16.20
C PRO C 196 -17.13 -21.11 15.04
N ASN C 197 -17.01 -21.65 13.83
CA ASN C 197 -16.69 -20.88 12.62
C ASN C 197 -15.29 -20.28 12.64
N GLU C 198 -14.41 -20.85 13.47
CA GLU C 198 -13.01 -20.45 13.46
C GLU C 198 -12.06 -21.59 13.32
N TRP C 199 -10.86 -21.27 12.86
CA TRP C 199 -9.71 -22.17 12.89
C TRP C 199 -8.61 -21.62 13.81
N ARG C 200 -8.85 -20.42 14.36
CA ARG C 200 -7.87 -19.69 15.15
C ARG C 200 -8.36 -19.54 16.58
N ALA C 201 -7.42 -19.56 17.53
CA ALA C 201 -7.76 -19.55 18.94
C ALA C 201 -7.80 -18.17 19.59
N ASN C 202 -7.28 -17.15 18.91
CA ASN C 202 -7.11 -15.83 19.53
C ASN C 202 -8.35 -15.33 20.24
N VAL C 203 -8.17 -14.79 21.44
CA VAL C 203 -9.30 -14.19 22.16
C VAL C 203 -9.94 -13.07 21.34
N ALA C 204 -9.08 -12.30 20.65
CA ALA C 204 -9.53 -11.22 19.74
C ALA C 204 -10.52 -11.70 18.69
N LEU C 205 -10.44 -12.98 18.35
CA LEU C 205 -11.32 -13.56 17.34
C LEU C 205 -12.49 -14.37 17.89
N GLY C 206 -12.74 -14.24 19.19
CA GLY C 206 -13.79 -15.01 19.86
C GLY C 206 -13.31 -16.23 20.62
N GLY C 207 -11.99 -16.41 20.72
CA GLY C 207 -11.44 -17.53 21.49
C GLY C 207 -11.86 -17.41 22.95
N THR C 208 -12.24 -18.52 23.55
CA THR C 208 -12.75 -18.44 24.93
C THR C 208 -11.77 -19.11 25.89
N PRO C 209 -11.50 -18.47 27.04
CA PRO C 209 -10.50 -19.04 27.97
C PRO C 209 -10.95 -20.26 28.76
N SER C 210 -9.99 -21.11 29.08
CA SER C 210 -10.25 -22.15 30.08
C SER C 210 -8.92 -22.48 30.72
N ASN C 211 -8.95 -23.29 31.78
CA ASN C 211 -7.71 -23.61 32.51
C ASN C 211 -7.08 -24.93 32.14
N ILE C 212 -5.76 -25.01 32.26
CA ILE C 212 -5.08 -26.29 32.14
C ILE C 212 -4.10 -26.47 33.29
N GLU C 213 -3.73 -27.72 33.53
CA GLU C 213 -2.66 -27.98 34.50
C GLU C 213 -1.34 -28.05 33.73
N VAL C 214 -0.33 -27.36 34.25
CA VAL C 214 0.97 -27.29 33.58
C VAL C 214 1.80 -28.45 34.09
N ASP C 215 2.12 -29.39 33.21
CA ASP C 215 3.01 -30.51 33.55
C ASP C 215 4.47 -30.10 33.35
N GLU C 216 5.38 -30.96 33.77
CA GLU C 216 6.78 -30.61 33.73
C GLU C 216 7.28 -30.35 32.31
N LYS C 217 6.80 -31.15 31.35
CA LYS C 217 7.21 -30.99 29.94
C LYS C 217 6.76 -29.65 29.36
N LEU C 218 5.56 -29.21 29.71
CA LEU C 218 5.09 -27.90 29.24
C LEU C 218 5.95 -26.78 29.85
N LYS C 219 6.16 -26.84 31.17
CA LYS C 219 6.98 -25.85 31.85
C LYS C 219 8.36 -25.76 31.22
N GLU C 220 9.00 -26.91 31.00
CA GLU C 220 10.38 -26.92 30.46
C GLU C 220 10.42 -26.31 29.06
N THR C 221 9.45 -26.68 28.23
CA THR C 221 9.39 -26.17 26.84
C THR C 221 9.28 -24.63 26.85
N VAL C 222 8.40 -24.11 27.69
CA VAL C 222 8.16 -22.68 27.76
C VAL C 222 9.38 -21.95 28.29
N VAL C 223 9.93 -22.45 29.39
CA VAL C 223 11.05 -21.76 30.01
C VAL C 223 12.27 -21.82 29.08
N LYS C 224 12.51 -22.97 28.46
CA LYS C 224 13.64 -23.09 27.52
C LYS C 224 13.47 -22.14 26.31
N ALA C 225 12.26 -22.03 25.76
CA ALA C 225 12.04 -21.08 24.65
C ALA C 225 12.29 -19.62 25.04
N VAL C 226 11.77 -19.24 26.22
CA VAL C 226 11.99 -17.91 26.75
C VAL C 226 13.48 -17.59 26.95
N SER C 227 14.23 -18.55 27.46
CA SER C 227 15.66 -18.31 27.71
C SER C 227 16.46 -18.22 26.41
N ILE C 228 16.06 -18.99 25.40
CA ILE C 228 16.67 -18.92 24.06
C ILE C 228 16.54 -17.52 23.45
N VAL C 229 15.39 -16.88 23.64
CA VAL C 229 15.24 -15.53 23.10
C VAL C 229 15.57 -14.43 24.11
N HIS C 230 15.95 -14.82 25.34
CA HIS C 230 16.25 -13.87 26.42
C HIS C 230 15.09 -12.92 26.76
N GLY C 231 13.86 -13.42 26.67
CA GLY C 231 12.69 -12.57 26.88
C GLY C 231 12.44 -12.31 28.35
N GLU C 232 12.26 -11.05 28.73
CA GLU C 232 12.12 -10.71 30.14
C GLU C 232 10.65 -10.61 30.61
N PHE C 233 9.76 -10.19 29.70
CA PHE C 233 8.34 -10.17 30.01
C PHE C 233 7.64 -10.49 28.69
N VAL C 234 7.35 -11.77 28.49
CA VAL C 234 6.81 -12.24 27.22
C VAL C 234 5.65 -13.21 27.37
N SER C 235 4.82 -13.28 26.33
CA SER C 235 3.88 -14.41 26.22
C SER C 235 4.41 -15.44 25.24
N ILE C 236 3.96 -16.68 25.41
CA ILE C 236 4.36 -17.82 24.57
C ILE C 236 3.05 -18.53 24.14
N ASP C 237 2.94 -18.79 22.84
CA ASP C 237 1.80 -19.54 22.29
C ASP C 237 2.29 -20.97 22.00
N ILE C 238 1.60 -21.97 22.54
CA ILE C 238 1.94 -23.36 22.34
C ILE C 238 0.78 -24.13 21.71
N LEU C 239 1.11 -25.00 20.75
CA LEU C 239 0.11 -25.89 20.15
C LEU C 239 0.42 -27.30 20.59
N GLU C 240 -0.62 -28.06 20.89
CA GLU C 240 -0.48 -29.46 21.25
C GLU C 240 -0.52 -30.27 19.97
N HIS C 241 0.49 -31.12 19.79
CA HIS C 241 0.65 -31.89 18.57
C HIS C 241 0.56 -33.37 18.91
N PRO C 242 -0.22 -34.14 18.12
CA PRO C 242 -0.43 -35.56 18.48
C PRO C 242 0.85 -36.42 18.53
N ASN C 243 1.88 -36.05 17.78
CA ASN C 243 3.15 -36.78 17.79
C ASN C 243 4.30 -36.06 18.46
N LYS C 244 4.36 -34.75 18.29
CA LYS C 244 5.51 -33.97 18.77
C LYS C 244 5.37 -33.50 20.22
N GLY C 245 4.16 -33.59 20.77
CA GLY C 245 3.85 -33.01 22.05
C GLY C 245 3.69 -31.51 21.96
N TYR C 246 4.25 -30.78 22.92
CA TYR C 246 4.11 -29.32 22.93
C TYR C 246 5.05 -28.70 21.91
N VAL C 247 4.49 -27.95 20.97
CA VAL C 247 5.31 -27.23 19.99
C VAL C 247 5.12 -25.74 20.19
N VAL C 248 6.19 -24.98 20.08
CA VAL C 248 6.10 -23.54 20.26
C VAL C 248 5.71 -22.89 18.93
N ASN C 249 4.61 -22.15 18.97
CA ASN C 249 4.09 -21.46 17.80
C ASN C 249 4.61 -20.04 17.66
N GLU C 250 4.71 -19.32 18.77
CA GLU C 250 5.27 -17.97 18.75
C GLU C 250 5.51 -17.41 20.15
N LEU C 251 6.28 -16.33 20.20
CA LEU C 251 6.46 -15.54 21.42
C LEU C 251 6.03 -14.13 21.13
N ASN C 252 5.52 -13.43 22.14
CA ASN C 252 5.10 -12.06 21.94
C ASN C 252 5.81 -11.11 22.91
N ASP C 253 6.38 -10.03 22.37
CA ASP C 253 7.29 -9.14 23.12
C ASP C 253 6.60 -7.95 23.80
N VAL C 254 5.33 -7.72 23.45
CA VAL C 254 4.47 -6.74 24.16
C VAL C 254 3.16 -7.47 24.45
N PRO C 255 3.22 -8.44 25.37
CA PRO C 255 2.04 -9.30 25.57
C PRO C 255 0.81 -8.57 26.11
N GLU C 256 -0.34 -8.87 25.51
CA GLU C 256 -1.64 -8.59 26.12
C GLU C 256 -1.97 -9.69 27.12
N PHE C 257 -2.70 -9.35 28.18
CA PHE C 257 -2.87 -10.27 29.30
C PHE C 257 -4.19 -10.14 30.05
N LYS C 258 -5.17 -9.45 29.47
CA LYS C 258 -6.49 -9.44 30.10
C LYS C 258 -7.15 -10.81 30.11
N GLY C 259 -6.98 -11.57 29.03
CA GLY C 259 -7.46 -12.93 28.94
C GLY C 259 -6.80 -13.79 30.01
N PHE C 260 -5.47 -13.68 30.11
CA PHE C 260 -4.69 -14.39 31.12
C PHE C 260 -5.23 -14.12 32.54
N MET C 261 -5.50 -12.85 32.82
CA MET C 261 -6.00 -12.45 34.15
C MET C 261 -7.37 -13.05 34.42
N VAL C 262 -8.29 -12.96 33.46
CA VAL C 262 -9.61 -13.60 33.64
C VAL C 262 -9.46 -15.10 33.93
N ALA C 263 -8.60 -15.76 33.16
CA ALA C 263 -8.45 -17.19 33.23
C ALA C 263 -7.80 -17.67 34.54
N THR C 264 -6.83 -16.91 35.05
CA THR C 264 -5.99 -17.39 36.14
C THR C 264 -6.16 -16.64 37.46
N ASN C 265 -6.79 -15.47 37.41
CA ASN C 265 -6.85 -14.51 38.54
C ASN C 265 -5.45 -14.18 39.09
N ILE C 266 -4.45 -14.15 38.20
CA ILE C 266 -3.10 -13.75 38.58
C ILE C 266 -2.95 -12.26 38.19
N ASN C 267 -2.46 -11.48 39.15
CA ASN C 267 -2.26 -10.05 38.96
C ASN C 267 -0.94 -9.83 38.23
N VAL C 268 -0.99 -9.92 36.90
CA VAL C 268 0.22 -9.86 36.06
C VAL C 268 1.00 -8.56 36.30
N ALA C 269 0.31 -7.42 36.28
CA ALA C 269 0.93 -6.11 36.53
C ALA C 269 1.66 -6.03 37.88
N GLN C 270 1.02 -6.54 38.93
CA GLN C 270 1.66 -6.58 40.25
C GLN C 270 2.95 -7.40 40.24
N LYS C 271 2.90 -8.58 39.64
CA LYS C 271 4.05 -9.47 39.55
C LYS C 271 5.16 -8.81 38.74
N LEU C 272 4.77 -8.10 37.68
CA LEU C 272 5.74 -7.38 36.87
C LEU C 272 6.43 -6.29 37.69
N VAL C 273 5.65 -5.50 38.44
CA VAL C 273 6.21 -4.39 39.21
C VAL C 273 7.12 -4.92 40.33
N GLU C 274 6.66 -5.98 41.01
CA GLU C 274 7.47 -6.66 42.05
C GLU C 274 8.79 -7.16 41.50
N TYR C 275 8.75 -7.83 40.35
CA TYR C 275 9.96 -8.27 39.67
C TYR C 275 10.93 -7.10 39.41
N ILE C 276 10.42 -6.00 38.87
CA ILE C 276 11.27 -4.84 38.56
C ILE C 276 11.88 -4.26 39.85
N LYS C 277 11.06 -4.08 40.90
CA LYS C 277 11.53 -3.59 42.22
C LYS C 277 12.58 -4.49 42.81
N GLU C 278 12.37 -5.80 42.67
CA GLU C 278 13.29 -6.81 43.19
C GLU C 278 14.63 -6.79 42.49
N ASN C 279 14.64 -6.55 41.18
CA ASN C 279 15.85 -6.72 40.38
C ASN C 279 16.55 -5.45 39.90
N TYR C 280 15.91 -4.29 40.03
CA TYR C 280 16.45 -3.06 39.43
C TYR C 280 16.57 -1.86 40.37
N SER C 281 16.28 -2.08 41.65
CA SER C 281 16.44 -1.03 42.67
C SER C 281 17.86 -1.09 43.24
N MET D 1 35.33 -28.05 2.52
CA MET D 1 34.40 -26.92 2.81
C MET D 1 33.43 -26.75 1.66
N ARG D 2 32.13 -26.71 1.99
CA ARG D 2 31.08 -26.46 0.99
C ARG D 2 30.40 -25.12 1.24
N VAL D 3 30.28 -24.30 0.20
CA VAL D 3 29.66 -22.99 0.33
C VAL D 3 28.35 -23.00 -0.42
N VAL D 4 27.35 -22.29 0.14
CA VAL D 4 26.16 -22.00 -0.63
C VAL D 4 26.10 -20.49 -0.84
N LEU D 5 25.79 -20.10 -2.06
CA LEU D 5 25.63 -18.71 -2.41
C LEU D 5 24.14 -18.46 -2.60
N ILE D 6 23.57 -17.56 -1.78
CA ILE D 6 22.13 -17.31 -1.75
C ILE D 6 21.80 -16.07 -2.55
N VAL D 7 20.98 -16.24 -3.57
CA VAL D 7 20.70 -15.12 -4.46
C VAL D 7 19.21 -14.99 -4.73
N ASP D 8 18.82 -13.82 -5.25
CA ASP D 8 17.53 -13.71 -5.94
C ASP D 8 17.65 -13.17 -7.37
N ILE D 9 18.21 -11.98 -7.48
CA ILE D 9 18.54 -11.34 -8.76
C ILE D 9 20.07 -11.29 -8.82
N VAL D 10 20.65 -11.89 -9.85
CA VAL D 10 22.11 -12.04 -9.90
C VAL D 10 22.74 -10.79 -10.54
N ARG D 11 23.24 -9.88 -9.71
CA ARG D 11 23.93 -8.67 -10.17
C ARG D 11 25.41 -8.99 -10.44
N GLN D 12 26.15 -8.00 -10.91
CA GLN D 12 27.57 -8.19 -11.15
C GLN D 12 28.30 -8.68 -9.90
N GLU D 13 27.95 -8.13 -8.75
CA GLU D 13 28.57 -8.57 -7.48
C GLU D 13 28.43 -10.09 -7.27
N GLU D 14 27.24 -10.64 -7.50
CA GLU D 14 27.01 -12.09 -7.30
C GLU D 14 27.74 -12.94 -8.33
N LYS D 15 27.77 -12.45 -9.58
CA LYS D 15 28.54 -13.11 -10.62
C LYS D 15 30.03 -13.13 -10.26
N LEU D 16 30.53 -12.04 -9.67
CA LEU D 16 31.96 -11.97 -9.36
C LEU D 16 32.31 -12.86 -8.18
N ILE D 17 31.40 -12.96 -7.20
CA ILE D 17 31.58 -13.90 -6.07
C ILE D 17 31.56 -15.36 -6.57
N ALA D 18 30.59 -15.71 -7.42
CA ALA D 18 30.53 -17.06 -8.01
C ALA D 18 31.84 -17.36 -8.74
N LYS D 19 32.29 -16.41 -9.55
CA LYS D 19 33.52 -16.57 -10.34
C LYS D 19 34.72 -16.79 -9.41
N ALA D 20 34.84 -15.97 -8.37
CA ALA D 20 35.90 -16.13 -7.37
C ALA D 20 35.89 -17.49 -6.66
N LEU D 21 34.70 -17.98 -6.34
CA LEU D 21 34.55 -19.31 -5.73
C LEU D 21 35.12 -20.39 -6.65
N GLU D 22 34.74 -20.36 -7.92
CA GLU D 22 35.26 -21.38 -8.85
C GLU D 22 36.76 -21.23 -9.15
N GLU D 23 37.24 -19.99 -9.29
CA GLU D 23 38.66 -19.76 -9.58
C GLU D 23 39.54 -20.15 -8.40
N ASN D 24 38.96 -20.17 -7.21
CA ASN D 24 39.69 -20.54 -6.00
C ASN D 24 39.44 -21.98 -5.56
N LYS D 25 38.80 -22.75 -6.44
CA LYS D 25 38.51 -24.17 -6.22
C LYS D 25 37.70 -24.45 -4.97
N VAL D 26 36.73 -23.58 -4.69
CA VAL D 26 35.81 -23.82 -3.58
C VAL D 26 34.58 -24.54 -4.10
N GLN D 27 34.22 -25.64 -3.43
CA GLN D 27 32.98 -26.38 -3.70
C GLN D 27 31.82 -25.47 -3.36
N TYR D 28 30.92 -25.22 -4.30
CA TYR D 28 29.79 -24.33 -4.02
C TYR D 28 28.54 -24.65 -4.82
N ASP D 29 27.39 -24.39 -4.19
CA ASP D 29 26.10 -24.38 -4.87
C ASP D 29 25.51 -22.98 -4.83
N ILE D 30 24.59 -22.69 -5.75
CA ILE D 30 23.79 -21.48 -5.75
C ILE D 30 22.35 -21.91 -5.43
N ILE D 31 21.73 -21.23 -4.47
CA ILE D 31 20.29 -21.37 -4.27
C ILE D 31 19.60 -20.05 -4.57
N ASN D 32 18.66 -20.06 -5.51
CA ASN D 32 17.89 -18.87 -5.78
C ASN D 32 16.60 -18.87 -4.93
N VAL D 33 16.57 -17.99 -3.94
CA VAL D 33 15.44 -17.95 -3.00
C VAL D 33 14.22 -17.16 -3.54
N ALA D 34 14.34 -16.63 -4.75
CA ALA D 34 13.17 -16.16 -5.47
C ALA D 34 12.51 -17.34 -6.21
N GLN D 35 13.19 -18.48 -6.27
CA GLN D 35 12.62 -19.63 -6.97
C GLN D 35 12.31 -20.80 -6.07
N GLU D 36 13.12 -21.01 -5.04
CA GLU D 36 13.03 -22.20 -4.22
C GLU D 36 12.62 -21.88 -2.79
N PRO D 37 11.69 -22.66 -2.22
CA PRO D 37 11.44 -22.50 -0.79
C PRO D 37 12.58 -23.11 0.05
N LEU D 38 12.69 -22.72 1.32
CA LEU D 38 13.71 -23.27 2.24
C LEU D 38 13.02 -23.87 3.46
N PRO D 39 13.20 -25.18 3.69
CA PRO D 39 12.54 -25.78 4.85
C PRO D 39 13.38 -25.57 6.12
N PHE D 40 12.71 -25.51 7.28
CA PHE D 40 13.38 -25.60 8.56
C PHE D 40 13.60 -27.07 8.77
N ASN D 41 14.79 -27.52 8.41
CA ASN D 41 15.16 -28.91 8.67
C ASN D 41 16.68 -28.95 8.65
N LYS D 42 17.24 -30.14 8.85
CA LYS D 42 18.71 -30.24 9.02
C LYS D 42 19.44 -30.46 7.70
N ALA D 43 18.69 -30.63 6.62
CA ALA D 43 19.21 -30.88 5.26
C ALA D 43 20.18 -29.80 4.73
N LEU D 44 19.92 -28.53 5.03
CA LEU D 44 20.78 -27.42 4.62
C LEU D 44 22.13 -27.44 5.34
N GLY D 45 22.21 -28.22 6.40
CA GLY D 45 23.44 -28.38 7.17
C GLY D 45 24.59 -28.99 6.40
N ARG D 46 24.33 -29.41 5.17
CA ARG D 46 25.37 -29.93 4.26
C ARG D 46 26.38 -28.83 3.88
N TYR D 47 25.95 -27.57 3.98
CA TYR D 47 26.81 -26.40 3.76
C TYR D 47 27.52 -25.92 5.02
N ASP D 48 28.79 -25.57 4.86
CA ASP D 48 29.58 -25.06 5.96
C ASP D 48 29.38 -23.55 6.11
N VAL D 49 29.26 -22.85 5.00
CA VAL D 49 29.14 -21.40 5.01
C VAL D 49 28.14 -20.99 3.96
N ALA D 50 27.34 -19.98 4.28
CA ALA D 50 26.42 -19.37 3.31
C ALA D 50 26.83 -17.93 3.11
N ILE D 51 26.88 -17.50 1.85
CA ILE D 51 27.12 -16.09 1.49
C ILE D 51 25.76 -15.52 1.09
N ILE D 52 25.25 -14.59 1.89
CA ILE D 52 23.86 -14.12 1.74
C ILE D 52 23.83 -12.89 0.85
N ARG D 53 23.32 -13.05 -0.37
CA ARG D 53 23.37 -12.00 -1.38
C ARG D 53 22.06 -11.60 -2.03
N PRO D 54 20.89 -11.97 -1.46
CA PRO D 54 19.72 -11.39 -2.16
C PRO D 54 19.66 -9.88 -2.07
N VAL D 55 18.99 -9.29 -3.06
CA VAL D 55 18.84 -7.86 -3.20
C VAL D 55 17.74 -7.35 -2.24
N SER D 56 16.76 -8.20 -1.97
CA SER D 56 15.66 -7.87 -1.06
C SER D 56 16.15 -8.07 0.36
N MET D 57 15.96 -7.07 1.21
CA MET D 57 16.38 -7.19 2.61
C MET D 57 15.66 -8.31 3.37
N TYR D 58 14.35 -8.49 3.12
CA TYR D 58 13.66 -9.55 3.82
CA TYR D 58 13.58 -9.58 3.75
C TYR D 58 14.11 -10.93 3.32
N ARG D 59 14.45 -11.04 2.03
CA ARG D 59 14.92 -12.33 1.55
C ARG D 59 16.29 -12.63 2.13
N ALA D 60 17.13 -11.61 2.28
CA ALA D 60 18.43 -11.78 2.94
C ALA D 60 18.26 -12.21 4.38
N LEU D 61 17.43 -11.46 5.12
CA LEU D 61 17.16 -11.75 6.53
C LEU D 61 16.66 -13.17 6.74
N TYR D 62 15.63 -13.55 5.99
CA TYR D 62 15.02 -14.83 6.25
C TYR D 62 15.79 -16.02 5.69
N SER D 63 16.46 -15.84 4.56
CA SER D 63 17.31 -16.91 4.07
C SER D 63 18.45 -17.17 5.07
N SER D 64 19.03 -16.11 5.64
CA SER D 64 20.05 -16.26 6.66
C SER D 64 19.50 -16.99 7.89
N ALA D 65 18.31 -16.60 8.33
CA ALA D 65 17.69 -17.24 9.51
C ALA D 65 17.45 -18.73 9.32
N VAL D 66 16.93 -19.12 8.15
CA VAL D 66 16.70 -20.55 7.90
C VAL D 66 18.01 -21.35 7.87
N LEU D 67 19.02 -20.81 7.19
CA LEU D 67 20.31 -21.48 7.13
C LEU D 67 20.94 -21.62 8.51
N GLU D 68 20.85 -20.57 9.33
CA GLU D 68 21.42 -20.63 10.70
C GLU D 68 20.73 -21.69 11.56
N ALA D 69 19.42 -21.86 11.32
CA ALA D 69 18.63 -22.91 12.01
C ALA D 69 19.19 -24.31 11.73
N ALA D 70 19.75 -24.47 10.54
CA ALA D 70 20.32 -25.75 10.11
C ALA D 70 21.77 -25.89 10.55
N GLY D 71 22.29 -24.85 11.21
CA GLY D 71 23.66 -24.84 11.78
C GLY D 71 24.70 -24.30 10.81
N VAL D 72 24.24 -23.68 9.73
CA VAL D 72 25.16 -23.13 8.71
C VAL D 72 25.63 -21.76 9.19
N HIS D 73 26.94 -21.49 9.07
CA HIS D 73 27.43 -20.15 9.36
C HIS D 73 27.11 -19.24 8.19
N THR D 74 26.38 -18.16 8.48
CA THR D 74 26.00 -17.25 7.41
C THR D 74 26.77 -15.94 7.48
N ILE D 75 27.17 -15.46 6.31
CA ILE D 75 27.84 -14.19 6.13
C ILE D 75 26.96 -13.31 5.22
N ASN D 76 26.33 -12.26 5.76
CA ASN D 76 26.30 -11.95 7.20
C ASN D 76 25.25 -12.73 7.99
N SER D 77 25.36 -12.70 9.32
CA SER D 77 24.37 -13.37 10.19
C SER D 77 23.03 -12.64 10.21
N SER D 78 21.95 -13.34 10.59
CA SER D 78 20.60 -12.74 10.63
C SER D 78 20.58 -11.56 11.61
N ASP D 79 21.35 -11.66 12.69
CA ASP D 79 21.38 -10.61 13.72
C ASP D 79 22.02 -9.34 13.15
N VAL D 80 23.07 -9.52 12.35
CA VAL D 80 23.75 -8.41 11.71
C VAL D 80 22.85 -7.81 10.63
N ILE D 81 22.18 -8.66 9.87
CA ILE D 81 21.33 -8.13 8.78
C ILE D 81 20.22 -7.25 9.42
N ASN D 82 19.67 -7.74 10.52
CA ASN D 82 18.59 -7.04 11.22
C ASN D 82 19.02 -5.65 11.70
N VAL D 83 20.18 -5.58 12.33
CA VAL D 83 20.70 -4.31 12.82
C VAL D 83 21.22 -3.39 11.69
N CYS D 84 22.07 -3.92 10.82
CA CYS D 84 22.58 -3.10 9.71
C CYS D 84 21.51 -2.65 8.75
N GLY D 85 20.46 -3.45 8.60
CA GLY D 85 19.36 -3.08 7.70
C GLY D 85 18.49 -1.95 8.23
N ASP D 86 18.65 -1.64 9.50
CA ASP D 86 17.79 -0.67 10.15
C ASP D 86 18.62 0.47 10.74
N LYS D 87 18.42 1.67 10.20
CA LYS D 87 19.23 2.83 10.63
C LYS D 87 19.11 3.16 12.12
N ILE D 88 17.90 3.02 12.67
CA ILE D 88 17.67 3.32 14.08
C ILE D 88 18.38 2.31 14.96
N LEU D 89 18.27 1.03 14.62
CA LEU D 89 18.99 -0.01 15.39
C LEU D 89 20.50 0.18 15.32
N THR D 90 21.00 0.51 14.12
CA THR D 90 22.41 0.86 13.95
C THR D 90 22.83 2.07 14.80
N TYR D 91 22.15 3.19 14.63
CA TYR D 91 22.47 4.38 15.43
C TYR D 91 22.46 4.09 16.95
N SER D 92 21.48 3.30 17.40
CA SER D 92 21.39 2.95 18.81
C SER D 92 22.67 2.24 19.31
N LYS D 93 23.16 1.26 18.57
CA LYS D 93 24.38 0.54 18.99
C LYS D 93 25.61 1.45 18.96
N LEU D 94 25.69 2.29 17.93
CA LEU D 94 26.86 3.16 17.76
C LEU D 94 26.90 4.23 18.83
N TYR D 95 25.73 4.83 19.08
CA TYR D 95 25.65 5.93 20.04
C TYR D 95 26.00 5.47 21.47
N ARG D 96 25.46 4.32 21.86
CA ARG D 96 25.73 3.69 23.16
C ARG D 96 27.22 3.47 23.38
N GLU D 97 27.94 3.19 22.30
CA GLU D 97 29.38 2.95 22.38
C GLU D 97 30.25 4.20 22.21
N GLY D 98 29.65 5.34 21.92
CA GLY D 98 30.38 6.61 21.79
C GLY D 98 30.98 6.85 20.40
N ILE D 99 30.47 6.13 19.41
CA ILE D 99 30.82 6.33 18.00
C ILE D 99 29.97 7.47 17.44
N PRO D 100 30.61 8.53 16.88
CA PRO D 100 29.85 9.70 16.43
C PRO D 100 28.87 9.33 15.33
N ILE D 101 27.65 9.87 15.44
CA ILE D 101 26.62 9.71 14.41
C ILE D 101 26.07 11.10 14.14
N PRO D 102 25.33 11.29 13.02
CA PRO D 102 24.71 12.61 12.89
C PRO D 102 23.75 12.83 14.05
N ASP D 103 23.65 14.08 14.52
CA ASP D 103 22.70 14.42 15.60
C ASP D 103 21.29 14.06 15.12
N SER D 104 20.59 13.20 15.85
CA SER D 104 19.37 12.57 15.35
C SER D 104 18.24 12.59 16.39
N ILE D 105 17.00 12.83 15.92
CA ILE D 105 15.82 12.74 16.77
C ILE D 105 14.89 11.76 16.06
N ILE D 106 14.35 10.81 16.80
CA ILE D 106 13.41 9.82 16.22
C ILE D 106 11.96 10.23 16.48
N ALA D 107 11.14 10.27 15.44
CA ALA D 107 9.74 10.65 15.57
C ALA D 107 8.88 9.52 15.03
N LEU D 108 7.90 9.08 15.81
CA LEU D 108 7.22 7.82 15.49
C LEU D 108 5.76 8.02 15.16
N SER D 109 5.41 9.26 14.82
CA SER D 109 4.07 9.63 14.38
C SER D 109 4.14 10.94 13.65
N ALA D 110 3.08 11.28 12.90
CA ALA D 110 3.03 12.57 12.25
C ALA D 110 3.16 13.75 13.23
N GLU D 111 2.43 13.69 14.34
CA GLU D 111 2.53 14.70 15.39
C GLU D 111 3.96 14.84 15.93
N ALA D 112 4.62 13.71 16.19
CA ALA D 112 5.96 13.75 16.77
C ALA D 112 6.95 14.27 15.74
N ALA D 113 6.73 13.92 14.47
CA ALA D 113 7.60 14.40 13.39
C ALA D 113 7.58 15.94 13.28
N LEU D 114 6.38 16.53 13.34
CA LEU D 114 6.28 18.00 13.32
C LEU D 114 6.99 18.64 14.50
N LYS D 115 6.84 18.06 15.68
CA LYS D 115 7.56 18.54 16.86
C LYS D 115 9.07 18.44 16.70
N ALA D 116 9.55 17.34 16.11
CA ALA D 116 10.98 17.16 15.89
C ALA D 116 11.52 18.22 14.91
N TYR D 117 10.76 18.55 13.87
CA TYR D 117 11.18 19.60 12.93
C TYR D 117 11.34 20.93 13.66
N GLU D 118 10.39 21.22 14.56
CA GLU D 118 10.39 22.41 15.40
C GLU D 118 11.59 22.46 16.38
N GLN D 119 11.97 21.31 16.93
CA GLN D 119 13.18 21.18 17.79
C GLN D 119 14.51 21.40 17.04
N ARG D 120 14.62 20.76 15.89
CA ARG D 120 15.78 20.83 14.99
C ARG D 120 15.96 22.19 14.31
N GLY D 121 14.87 22.70 13.75
CA GLY D 121 14.92 23.81 12.81
C GLY D 121 15.33 23.33 11.43
N PHE D 122 15.18 24.23 10.46
CA PHE D 122 15.50 23.96 9.07
C PHE D 122 16.82 24.61 8.65
N PRO D 123 17.53 24.03 7.67
CA PRO D 123 17.20 22.79 7.01
C PRO D 123 17.57 21.59 7.86
N LEU D 124 17.03 20.45 7.49
CA LEU D 124 17.29 19.21 8.20
C LEU D 124 17.14 18.06 7.20
N ILE D 125 17.63 16.89 7.58
CA ILE D 125 17.43 15.70 6.77
C ILE D 125 16.39 14.82 7.47
N ASP D 126 15.42 14.32 6.72
CA ASP D 126 14.45 13.36 7.29
C ASP D 126 14.47 12.11 6.43
N LYS D 127 14.76 10.98 7.05
CA LYS D 127 14.82 9.73 6.29
C LYS D 127 14.21 8.62 7.11
N PRO D 128 13.71 7.56 6.44
CA PRO D 128 13.19 6.41 7.20
C PRO D 128 14.34 5.50 7.61
N PRO D 129 14.08 4.58 8.56
CA PRO D 129 15.13 3.66 9.04
C PRO D 129 15.52 2.58 8.03
N ILE D 130 14.71 2.42 6.99
CA ILE D 130 14.86 1.32 6.08
C ILE D 130 14.95 1.92 4.66
N GLY D 131 15.74 1.32 3.76
CA GLY D 131 15.88 1.87 2.41
C GLY D 131 17.33 1.92 1.93
N SER D 132 17.50 1.93 0.63
CA SER D 132 18.83 2.02 0.02
C SER D 132 18.80 3.00 -1.15
N TRP D 133 19.98 3.28 -1.72
CA TRP D 133 20.07 4.11 -2.94
C TRP D 133 19.48 5.51 -2.75
N GLY D 134 19.44 5.96 -1.50
CA GLY D 134 19.00 7.31 -1.15
C GLY D 134 17.48 7.47 -1.12
N ARG D 135 16.75 6.37 -1.26
CA ARG D 135 15.28 6.43 -1.35
C ARG D 135 14.61 7.00 -0.08
N LEU D 136 13.82 8.05 -0.32
CA LEU D 136 13.11 8.84 0.71
C LEU D 136 14.02 9.59 1.69
N VAL D 137 15.29 9.75 1.37
CA VAL D 137 16.15 10.63 2.18
C VAL D 137 15.82 12.07 1.72
N SER D 138 15.15 12.84 2.56
CA SER D 138 14.63 14.16 2.14
C SER D 138 15.39 15.31 2.80
N LEU D 139 15.72 16.34 2.01
CA LEU D 139 16.31 17.56 2.58
C LEU D 139 15.17 18.53 2.78
N ILE D 140 14.74 18.69 4.02
CA ILE D 140 13.55 19.51 4.34
C ILE D 140 13.99 20.96 4.64
N ARG D 141 13.52 21.88 3.79
CA ARG D 141 13.97 23.29 3.84
C ARG D 141 13.04 24.20 4.64
N ASP D 142 11.77 23.83 4.73
CA ASP D 142 10.81 24.60 5.52
C ASP D 142 9.64 23.75 5.97
N VAL D 143 8.75 24.37 6.73
CA VAL D 143 7.62 23.64 7.30
C VAL D 143 6.62 23.17 6.22
N PHE D 144 6.55 23.86 5.09
CA PHE D 144 5.63 23.43 4.04
C PHE D 144 6.09 22.10 3.49
N GLU D 145 7.37 22.02 3.16
CA GLU D 145 7.93 20.79 2.65
C GLU D 145 7.82 19.68 3.72
N GLY D 146 8.11 20.02 4.97
CA GLY D 146 8.01 19.06 6.08
C GLY D 146 6.61 18.45 6.20
N LYS D 147 5.61 19.31 6.17
CA LYS D 147 4.23 18.87 6.27
C LYS D 147 3.80 17.94 5.11
N THR D 148 4.27 18.22 3.89
CA THR D 148 3.94 17.35 2.77
C THR D 148 4.65 16.00 2.89
N ILE D 149 5.90 16.03 3.33
CA ILE D 149 6.62 14.79 3.55
C ILE D 149 5.95 13.89 4.61
N ILE D 150 5.54 14.49 5.73
CA ILE D 150 4.79 13.77 6.76
C ILE D 150 3.55 13.10 6.16
N GLU D 151 2.76 13.86 5.39
CA GLU D 151 1.56 13.33 4.78
C GLU D 151 1.80 12.15 3.85
N HIS D 152 2.82 12.27 3.00
CA HIS D 152 3.18 11.18 2.10
C HIS D 152 3.54 9.90 2.83
N ARG D 153 4.43 10.02 3.81
CA ARG D 153 4.87 8.82 4.52
C ARG D 153 3.77 8.17 5.34
N GLU D 154 2.84 8.96 5.85
CA GLU D 154 1.65 8.41 6.51
C GLU D 154 0.80 7.50 5.62
N LEU D 155 0.88 7.69 4.30
CA LEU D 155 0.12 6.90 3.32
CA LEU D 155 0.12 6.88 3.33
C LEU D 155 0.91 5.72 2.73
N MET D 156 1.99 5.33 3.39
CA MET D 156 2.76 4.21 2.86
C MET D 156 2.38 2.88 3.50
N GLY D 157 2.71 1.78 2.83
CA GLY D 157 2.25 0.45 3.23
C GLY D 157 3.19 -0.36 4.13
N ASN D 158 4.34 0.20 4.47
CA ASN D 158 5.25 -0.39 5.44
C ASN D 158 5.35 0.59 6.62
N SER D 159 4.95 0.12 7.81
CA SER D 159 4.95 0.97 8.99
CA SER D 159 4.95 0.92 9.03
C SER D 159 6.34 1.47 9.40
N ALA D 160 7.39 0.75 9.02
CA ALA D 160 8.79 1.21 9.27
C ALA D 160 9.03 2.55 8.57
N LEU D 161 8.38 2.75 7.42
CA LEU D 161 8.49 4.03 6.67
C LEU D 161 7.81 5.21 7.34
N LYS D 162 7.01 4.93 8.37
CA LYS D 162 6.38 5.99 9.17
C LYS D 162 7.25 6.48 10.32
N ALA D 163 8.40 5.84 10.52
CA ALA D 163 9.34 6.31 11.52
C ALA D 163 10.29 7.31 10.86
N HIS D 164 10.38 8.49 11.46
CA HIS D 164 11.22 9.54 10.88
C HIS D 164 12.53 9.67 11.66
N ILE D 165 13.66 9.64 10.95
CA ILE D 165 14.94 9.99 11.54
C ILE D 165 15.22 11.46 11.12
N VAL D 166 15.10 12.35 12.08
CA VAL D 166 15.25 13.80 11.83
C VAL D 166 16.65 14.21 12.25
N GLN D 167 17.47 14.59 11.28
CA GLN D 167 18.91 14.74 11.53
C GLN D 167 19.41 16.10 11.12
N GLU D 168 20.50 16.50 11.74
CA GLU D 168 21.25 17.66 11.24
C GLU D 168 21.67 17.40 9.77
N TYR D 169 21.56 18.43 8.94
CA TYR D 169 22.04 18.35 7.57
C TYR D 169 23.50 18.67 7.56
N ILE D 170 24.31 17.70 7.12
CA ILE D 170 25.76 17.87 7.11
C ILE D 170 26.18 18.26 5.70
N GLN D 171 26.83 19.41 5.57
CA GLN D 171 27.25 19.93 4.27
C GLN D 171 28.66 20.47 4.44
N TYR D 172 29.67 19.74 3.95
CA TYR D 172 31.04 20.12 4.27
C TYR D 172 32.00 19.88 3.09
N LYS D 173 32.06 18.63 2.62
CA LYS D 173 33.00 18.25 1.57
C LYS D 173 32.34 17.91 0.25
N GLY D 174 31.01 17.89 0.21
CA GLY D 174 30.29 17.60 -1.03
C GLY D 174 30.41 16.16 -1.47
N ARG D 175 30.54 15.26 -0.50
CA ARG D 175 30.78 13.86 -0.79
C ARG D 175 30.46 13.07 0.45
N ASP D 176 30.39 11.75 0.31
CA ASP D 176 30.51 10.89 1.50
C ASP D 176 31.61 9.88 1.29
N ILE D 177 31.94 9.15 2.34
CA ILE D 177 33.04 8.21 2.30
C ILE D 177 32.41 6.83 2.44
N ARG D 178 32.80 5.92 1.57
CA ARG D 178 32.28 4.54 1.55
C ARG D 178 33.45 3.58 1.80
N CYS D 179 33.31 2.77 2.86
CA CYS D 179 34.33 1.78 3.23
C CYS D 179 33.75 0.36 3.20
N ILE D 180 34.63 -0.62 2.98
CA ILE D 180 34.30 -2.04 3.10
C ILE D 180 35.21 -2.67 4.16
N ALA D 181 34.62 -3.52 5.00
CA ALA D 181 35.35 -4.29 5.99
C ALA D 181 35.03 -5.76 5.78
N ILE D 182 36.06 -6.60 5.95
CA ILE D 182 35.91 -8.05 5.87
C ILE D 182 36.58 -8.64 7.12
N GLY D 183 35.85 -9.48 7.86
CA GLY D 183 36.36 -10.03 9.12
C GLY D 183 36.64 -8.96 10.15
N GLU D 184 35.91 -7.86 10.07
CA GLU D 184 36.12 -6.69 10.94
C GLU D 184 37.47 -6.00 10.74
N GLU D 185 38.07 -6.21 9.57
CA GLU D 185 39.29 -5.49 9.21
C GLU D 185 38.96 -4.60 8.02
N LEU D 186 39.54 -3.40 7.99
CA LEU D 186 39.22 -2.47 6.91
C LEU D 186 39.87 -2.92 5.61
N LEU D 187 39.08 -3.05 4.55
CA LEU D 187 39.59 -3.40 3.21
C LEU D 187 40.06 -2.12 2.52
N GLY D 188 39.21 -1.10 2.55
CA GLY D 188 39.58 0.19 2.04
C GLY D 188 38.39 1.12 2.01
N CYS D 189 38.62 2.35 1.56
CA CYS D 189 37.59 3.39 1.46
C CYS D 189 37.78 4.17 0.18
N TYR D 190 36.69 4.77 -0.30
CA TYR D 190 36.77 5.77 -1.36
C TYR D 190 35.70 6.85 -1.12
N ALA D 191 35.72 7.89 -1.95
CA ALA D 191 34.76 8.98 -1.80
C ALA D 191 33.72 8.91 -2.93
N ARG D 192 32.46 9.15 -2.56
CA ARG D 192 31.37 9.31 -3.54
C ARG D 192 31.02 10.79 -3.60
N ASN D 193 31.26 11.41 -4.75
CA ASN D 193 31.04 12.85 -4.89
C ASN D 193 29.62 13.19 -5.37
N ILE D 194 29.00 14.13 -4.69
CA ILE D 194 27.59 14.47 -4.97
C ILE D 194 27.54 15.17 -6.32
N PRO D 195 26.66 14.69 -7.23
CA PRO D 195 26.58 15.32 -8.56
C PRO D 195 25.72 16.60 -8.57
N PRO D 196 25.81 17.43 -9.64
CA PRO D 196 24.88 18.56 -9.74
C PRO D 196 23.42 18.13 -9.62
N ASN D 197 22.59 19.00 -9.03
CA ASN D 197 21.15 18.76 -8.81
C ASN D 197 20.85 17.63 -7.84
N GLU D 198 21.85 17.30 -7.02
CA GLU D 198 21.66 16.34 -5.92
C GLU D 198 22.10 16.85 -4.59
N TRP D 199 21.55 16.24 -3.56
CA TRP D 199 22.00 16.43 -2.19
C TRP D 199 22.52 15.11 -1.63
N ARG D 200 22.47 14.06 -2.46
CA ARG D 200 22.81 12.71 -2.05
C ARG D 200 23.98 12.21 -2.86
N ALA D 201 24.83 11.40 -2.23
CA ALA D 201 26.07 10.97 -2.83
C ALA D 201 26.00 9.61 -3.51
N ASN D 202 24.89 8.88 -3.37
CA ASN D 202 24.85 7.51 -3.90
C ASN D 202 25.26 7.40 -5.36
N VAL D 203 26.12 6.43 -5.66
CA VAL D 203 26.53 6.18 -7.06
C VAL D 203 25.29 5.90 -7.91
N ALA D 204 24.30 5.27 -7.28
CA ALA D 204 23.04 4.95 -7.93
C ALA D 204 22.30 6.19 -8.40
N LEU D 205 22.57 7.33 -7.74
CA LEU D 205 21.94 8.62 -8.06
C LEU D 205 22.83 9.54 -8.91
N GLY D 206 23.96 9.01 -9.39
CA GLY D 206 24.91 9.82 -10.16
C GLY D 206 26.17 10.23 -9.40
N GLY D 207 26.29 9.75 -8.16
CA GLY D 207 27.51 9.98 -7.37
C GLY D 207 28.71 9.47 -8.12
N THR D 208 29.78 10.25 -8.14
CA THR D 208 30.99 9.89 -8.89
C THR D 208 32.15 9.55 -7.94
N PRO D 209 32.86 8.44 -8.21
CA PRO D 209 33.88 8.00 -7.28
C PRO D 209 35.18 8.81 -7.37
N SER D 210 35.85 8.95 -6.24
CA SER D 210 37.23 9.43 -6.25
C SER D 210 37.92 8.77 -5.08
N ASN D 211 39.23 8.96 -4.99
CA ASN D 211 40.02 8.36 -3.91
C ASN D 211 40.30 9.26 -2.73
N ILE D 212 40.46 8.67 -1.55
CA ILE D 212 40.95 9.42 -0.41
C ILE D 212 42.06 8.63 0.26
N GLU D 213 42.90 9.33 0.99
CA GLU D 213 43.83 8.63 1.88
C GLU D 213 43.13 8.41 3.23
N VAL D 214 43.15 7.17 3.70
CA VAL D 214 42.54 6.81 4.97
C VAL D 214 43.55 7.15 6.07
N ASP D 215 43.20 8.08 6.95
CA ASP D 215 44.06 8.37 8.11
C ASP D 215 43.68 7.45 9.28
N GLU D 216 44.45 7.49 10.36
CA GLU D 216 44.23 6.58 11.46
C GLU D 216 42.84 6.79 12.06
N LYS D 217 42.39 8.04 12.14
CA LYS D 217 41.10 8.34 12.76
C LYS D 217 39.93 7.72 12.00
N LEU D 218 40.01 7.76 10.67
CA LEU D 218 38.99 7.14 9.83
C LEU D 218 38.99 5.63 10.02
N LYS D 219 40.16 5.03 9.92
CA LYS D 219 40.29 3.60 10.10
C LYS D 219 39.73 3.15 11.46
N GLU D 220 40.10 3.88 12.53
CA GLU D 220 39.61 3.55 13.88
C GLU D 220 38.09 3.64 13.98
N THR D 221 37.52 4.69 13.39
CA THR D 221 36.06 4.89 13.45
C THR D 221 35.35 3.73 12.75
N VAL D 222 35.87 3.35 11.57
CA VAL D 222 35.26 2.29 10.77
C VAL D 222 35.39 0.93 11.46
N VAL D 223 36.60 0.61 11.92
CA VAL D 223 36.82 -0.66 12.61
C VAL D 223 35.99 -0.76 13.91
N LYS D 224 35.92 0.34 14.68
CA LYS D 224 35.10 0.34 15.90
C LYS D 224 33.62 0.09 15.58
N ALA D 225 33.11 0.76 14.56
CA ALA D 225 31.71 0.60 14.17
C ALA D 225 31.40 -0.83 13.71
N VAL D 226 32.25 -1.37 12.85
CA VAL D 226 32.06 -2.75 12.39
C VAL D 226 32.14 -3.76 13.54
N SER D 227 33.00 -3.50 14.52
CA SER D 227 33.17 -4.43 15.64
C SER D 227 31.95 -4.47 16.55
N ILE D 228 31.38 -3.29 16.79
CA ILE D 228 30.16 -3.13 17.59
C ILE D 228 28.96 -3.88 17.00
N VAL D 229 28.83 -3.91 15.67
CA VAL D 229 27.70 -4.61 15.05
C VAL D 229 28.02 -6.07 14.70
N HIS D 230 29.29 -6.45 14.86
CA HIS D 230 29.81 -7.77 14.52
C HIS D 230 29.65 -8.14 13.05
N GLY D 231 29.75 -7.16 12.15
CA GLY D 231 29.57 -7.43 10.72
C GLY D 231 30.78 -8.10 10.09
N GLU D 232 30.56 -9.15 9.33
CA GLU D 232 31.67 -9.93 8.77
C GLU D 232 32.04 -9.51 7.33
N PHE D 233 31.04 -9.01 6.61
CA PHE D 233 31.28 -8.48 5.27
C PHE D 233 30.30 -7.34 5.06
N VAL D 234 30.74 -6.13 5.34
CA VAL D 234 29.82 -4.99 5.33
C VAL D 234 30.41 -3.75 4.69
N SER D 235 29.56 -2.87 4.21
CA SER D 235 30.02 -1.53 3.88
C SER D 235 29.64 -0.55 4.98
N ILE D 236 30.36 0.57 5.04
CA ILE D 236 30.15 1.62 6.03
C ILE D 236 30.11 2.94 5.28
N ASP D 237 29.12 3.77 5.58
CA ASP D 237 29.00 5.10 5.01
C ASP D 237 29.40 6.08 6.12
N ILE D 238 30.34 6.97 5.81
CA ILE D 238 30.81 7.96 6.74
C ILE D 238 30.60 9.38 6.16
N LEU D 239 30.16 10.32 6.99
CA LEU D 239 30.08 11.72 6.58
C LEU D 239 31.12 12.50 7.35
N GLU D 240 31.76 13.46 6.69
CA GLU D 240 32.69 14.37 7.32
C GLU D 240 31.90 15.56 7.85
N HIS D 241 32.09 15.83 9.13
CA HIS D 241 31.34 16.88 9.83
C HIS D 241 32.35 17.93 10.28
N PRO D 242 32.02 19.21 10.07
CA PRO D 242 33.01 20.27 10.36
C PRO D 242 33.46 20.36 11.83
N ASN D 243 32.66 19.84 12.76
CA ASN D 243 32.97 19.85 14.19
C ASN D 243 33.23 18.48 14.79
N LYS D 244 32.47 17.48 14.35
CA LYS D 244 32.55 16.14 14.92
C LYS D 244 33.64 15.29 14.28
N GLY D 245 34.12 15.71 13.12
CA GLY D 245 35.01 14.87 12.34
C GLY D 245 34.23 13.76 11.67
N TYR D 246 34.75 12.55 11.69
CA TYR D 246 34.06 11.45 10.97
C TYR D 246 32.85 10.98 11.73
N VAL D 247 31.69 11.02 11.08
CA VAL D 247 30.48 10.45 11.70
C VAL D 247 29.97 9.26 10.89
N VAL D 248 29.46 8.25 11.59
CA VAL D 248 28.98 7.08 10.89
C VAL D 248 27.51 7.29 10.56
N ASN D 249 27.21 7.23 9.28
CA ASN D 249 25.85 7.42 8.77
C ASN D 249 25.05 6.13 8.65
N GLU D 250 25.71 5.06 8.16
CA GLU D 250 25.06 3.77 8.11
C GLU D 250 26.02 2.61 7.81
N LEU D 251 25.51 1.39 7.99
CA LEU D 251 26.20 0.17 7.55
C LEU D 251 25.27 -0.60 6.63
N ASN D 252 25.84 -1.31 5.65
CA ASN D 252 25.06 -2.13 4.74
C ASN D 252 25.52 -3.60 4.86
N ASP D 253 24.57 -4.50 5.07
CA ASP D 253 24.82 -5.93 5.30
C ASP D 253 24.84 -6.80 4.04
N VAL D 254 24.37 -6.27 2.92
CA VAL D 254 24.58 -6.91 1.59
C VAL D 254 25.20 -5.87 0.66
N PRO D 255 26.49 -5.58 0.87
CA PRO D 255 27.03 -4.39 0.19
C PRO D 255 27.23 -4.57 -1.31
N GLU D 256 26.92 -3.52 -2.07
CA GLU D 256 27.31 -3.46 -3.48
C GLU D 256 28.72 -2.93 -3.50
N PHE D 257 29.52 -3.34 -4.47
CA PHE D 257 30.92 -2.96 -4.46
C PHE D 257 31.54 -2.69 -5.82
N LYS D 258 30.70 -2.45 -6.81
CA LYS D 258 31.19 -2.08 -8.15
C LYS D 258 31.92 -0.74 -8.19
N GLY D 259 31.40 0.23 -7.45
CA GLY D 259 32.02 1.55 -7.36
C GLY D 259 33.32 1.45 -6.60
N PHE D 260 33.30 0.65 -5.53
CA PHE D 260 34.49 0.38 -4.73
C PHE D 260 35.61 -0.22 -5.59
N MET D 261 35.27 -1.20 -6.42
CA MET D 261 36.27 -1.83 -7.29
C MET D 261 36.85 -0.87 -8.31
N VAL D 262 35.99 -0.11 -8.99
CA VAL D 262 36.47 0.89 -9.94
C VAL D 262 37.39 1.90 -9.23
N ALA D 263 36.96 2.38 -8.07
CA ALA D 263 37.73 3.41 -7.37
C ALA D 263 39.08 2.90 -6.82
N THR D 264 39.15 1.63 -6.43
CA THR D 264 40.34 1.18 -5.69
C THR D 264 41.17 0.13 -6.41
N ASN D 265 40.61 -0.45 -7.47
CA ASN D 265 41.17 -1.65 -8.12
C ASN D 265 41.49 -2.78 -7.12
N ILE D 266 40.70 -2.86 -6.03
CA ILE D 266 40.78 -3.98 -5.09
C ILE D 266 39.77 -5.03 -5.50
N ASN D 267 40.22 -6.28 -5.62
CA ASN D 267 39.38 -7.41 -6.00
C ASN D 267 38.59 -7.88 -4.78
N VAL D 268 37.45 -7.25 -4.53
CA VAL D 268 36.66 -7.53 -3.32
C VAL D 268 36.23 -9.00 -3.21
N ALA D 269 35.68 -9.54 -4.31
CA ALA D 269 35.27 -10.96 -4.35
C ALA D 269 36.40 -11.93 -4.00
N GLN D 270 37.59 -11.67 -4.56
CA GLN D 270 38.77 -12.47 -4.24
C GLN D 270 39.13 -12.43 -2.76
N LYS D 271 39.18 -11.23 -2.16
CA LYS D 271 39.52 -11.09 -0.75
C LYS D 271 38.48 -11.79 0.13
N LEU D 272 37.22 -11.69 -0.28
CA LEU D 272 36.15 -12.33 0.48
C LEU D 272 36.32 -13.85 0.45
N VAL D 273 36.58 -14.42 -0.73
CA VAL D 273 36.77 -15.88 -0.88
C VAL D 273 38.02 -16.37 -0.11
N GLU D 274 39.10 -15.58 -0.16
CA GLU D 274 40.32 -15.86 0.64
C GLU D 274 40.01 -15.89 2.13
N TYR D 275 39.25 -14.89 2.58
CA TYR D 275 38.84 -14.83 3.96
C TYR D 275 38.04 -16.06 4.39
N ILE D 276 37.04 -16.44 3.58
CA ILE D 276 36.20 -17.61 3.90
C ILE D 276 37.08 -18.89 3.93
N LYS D 277 37.92 -19.06 2.92
CA LYS D 277 38.83 -20.22 2.85
C LYS D 277 39.75 -20.29 4.05
N GLU D 278 40.26 -19.13 4.47
CA GLU D 278 41.20 -19.04 5.60
C GLU D 278 40.56 -19.31 6.95
N ASN D 279 39.26 -19.06 7.09
CA ASN D 279 38.62 -19.13 8.40
C ASN D 279 37.61 -20.24 8.60
N TYR D 280 37.13 -20.84 7.51
CA TYR D 280 36.04 -21.81 7.60
C TYR D 280 36.38 -23.18 7.01
N SER D 281 37.66 -23.36 6.68
CA SER D 281 38.17 -24.64 6.22
C SER D 281 38.70 -25.44 7.41
N MET E 1 21.59 -9.20 -34.25
CA MET E 1 20.77 -8.21 -33.50
C MET E 1 21.65 -7.19 -32.77
N VAL E 2 21.05 -6.29 -32.01
CA VAL E 2 21.84 -5.31 -31.25
C VAL E 2 22.19 -5.84 -29.85
N VAL E 3 23.37 -5.49 -29.38
CA VAL E 3 23.86 -5.96 -28.08
C VAL E 3 23.84 -4.80 -27.11
N LEU E 4 22.96 -4.90 -26.11
CA LEU E 4 22.81 -3.86 -25.11
CA LEU E 4 22.82 -3.85 -25.11
C LEU E 4 23.23 -4.40 -23.75
N LYS E 5 23.61 -3.51 -22.85
CA LYS E 5 24.01 -3.93 -21.51
C LYS E 5 22.82 -3.92 -20.56
N CYS E 6 22.71 -4.99 -19.77
CA CYS E 6 21.70 -5.09 -18.71
C CYS E 6 21.98 -4.09 -17.59
N PRO E 7 21.00 -3.23 -17.26
CA PRO E 7 21.18 -2.21 -16.23
C PRO E 7 21.23 -2.81 -14.83
N VAL E 8 21.05 -4.12 -14.74
CA VAL E 8 20.96 -4.83 -13.48
C VAL E 8 22.22 -5.65 -13.21
N CYS E 9 22.63 -6.46 -14.19
CA CYS E 9 23.77 -7.37 -14.03
C CYS E 9 24.98 -7.07 -14.92
N ASN E 10 24.82 -6.15 -15.87
CA ASN E 10 25.88 -5.77 -16.81
C ASN E 10 26.26 -6.88 -17.79
N GLY E 11 25.44 -7.93 -17.82
CA GLY E 11 25.59 -8.98 -18.81
C GLY E 11 25.24 -8.43 -20.18
N ASP E 12 25.44 -9.25 -21.21
CA ASP E 12 25.09 -8.83 -22.55
C ASP E 12 23.67 -9.28 -22.86
N VAL E 13 22.87 -8.34 -23.38
CA VAL E 13 21.51 -8.66 -23.78
C VAL E 13 21.32 -8.50 -25.29
N ASN E 14 20.89 -9.58 -25.92
CA ASN E 14 20.67 -9.57 -27.36
C ASN E 14 19.22 -9.20 -27.62
N VAL E 15 19.03 -7.99 -28.12
CA VAL E 15 17.71 -7.44 -28.39
C VAL E 15 17.42 -7.56 -29.89
N PRO E 16 16.30 -8.23 -30.24
CA PRO E 16 15.96 -8.49 -31.65
C PRO E 16 15.72 -7.20 -32.47
N ASP E 17 15.85 -7.29 -33.79
CA ASP E 17 15.52 -6.15 -34.67
C ASP E 17 14.02 -5.90 -34.66
N ASP E 18 13.28 -6.93 -34.22
CA ASP E 18 11.84 -6.86 -34.00
C ASP E 18 11.48 -5.75 -33.00
N ALA E 19 12.28 -5.62 -31.94
CA ALA E 19 12.00 -4.73 -30.81
C ALA E 19 11.74 -3.24 -31.13
N LEU E 20 10.68 -2.73 -30.52
CA LEU E 20 10.31 -1.32 -30.51
C LEU E 20 10.56 -0.78 -29.10
N PRO E 21 10.86 0.52 -28.98
CA PRO E 21 10.89 1.17 -27.67
C PRO E 21 9.60 0.92 -26.88
N GLY E 22 9.73 0.46 -25.64
CA GLY E 22 8.58 0.16 -24.76
C GLY E 22 8.31 -1.33 -24.59
N GLU E 23 8.94 -2.16 -25.41
CA GLU E 23 8.82 -3.61 -25.32
C GLU E 23 9.58 -4.16 -24.12
N ILE E 24 9.11 -5.29 -23.60
CA ILE E 24 9.70 -5.93 -22.43
C ILE E 24 10.60 -7.08 -22.86
N VAL E 25 11.78 -7.17 -22.24
CA VAL E 25 12.68 -8.32 -22.46
C VAL E 25 13.16 -8.89 -21.11
N GLU E 26 13.23 -10.22 -21.02
CA GLU E 26 13.67 -10.87 -19.81
C GLU E 26 15.14 -11.21 -19.90
N HIS E 27 15.88 -10.96 -18.83
CA HIS E 27 17.27 -11.34 -18.83
C HIS E 27 17.53 -12.46 -17.83
N GLU E 28 18.61 -13.19 -18.07
CA GLU E 28 18.94 -14.43 -17.33
C GLU E 28 19.28 -14.18 -15.86
N CYS E 29 19.54 -12.93 -15.52
CA CYS E 29 19.80 -12.52 -14.13
C CYS E 29 18.53 -12.51 -13.25
N GLY E 30 17.37 -12.56 -13.88
CA GLY E 30 16.08 -12.48 -13.18
C GLY E 30 15.37 -11.14 -13.36
N ALA E 31 16.02 -10.20 -14.04
CA ALA E 31 15.44 -8.88 -14.25
C ALA E 31 14.50 -8.87 -15.45
N GLN E 32 13.42 -8.10 -15.30
CA GLN E 32 12.54 -7.77 -16.41
C GLN E 32 12.94 -6.36 -16.82
N LEU E 33 13.10 -6.16 -18.14
CA LEU E 33 13.68 -4.94 -18.68
C LEU E 33 12.77 -4.35 -19.73
N GLU E 34 12.83 -3.04 -19.90
CA GLU E 34 12.08 -2.35 -20.94
C GLU E 34 13.06 -1.71 -21.91
N VAL E 35 12.82 -1.84 -23.21
CA VAL E 35 13.65 -1.07 -24.13
C VAL E 35 13.16 0.38 -24.25
N TYR E 36 14.09 1.32 -24.36
CA TYR E 36 13.74 2.72 -24.55
C TYR E 36 14.77 3.38 -25.47
N ASN E 37 14.42 4.58 -25.94
CA ASN E 37 15.30 5.35 -26.80
C ASN E 37 16.03 6.43 -26.01
N ASP E 38 17.33 6.48 -26.17
CA ASP E 38 18.18 7.50 -25.56
C ASP E 38 18.95 8.14 -26.72
N HIS E 39 18.42 9.22 -27.29
CA HIS E 39 19.02 9.90 -28.46
C HIS E 39 18.97 8.96 -29.66
N GLY E 40 20.13 8.52 -30.14
CA GLY E 40 20.21 7.58 -31.24
C GLY E 40 20.47 6.16 -30.80
N ARG E 41 20.30 5.90 -29.49
CA ARG E 41 20.60 4.60 -28.90
CA ARG E 41 20.59 4.59 -28.93
C ARG E 41 19.34 3.92 -28.39
N LEU E 42 19.26 2.61 -28.59
CA LEU E 42 18.32 1.82 -27.85
C LEU E 42 19.05 1.51 -26.56
N ALA E 43 18.32 1.48 -25.45
CA ALA E 43 18.92 1.14 -24.18
C ALA E 43 17.91 0.35 -23.37
N LEU E 44 18.36 -0.21 -22.26
CA LEU E 44 17.49 -1.03 -21.43
C LEU E 44 17.40 -0.45 -20.02
N ARG E 45 16.20 -0.35 -19.46
CA ARG E 45 16.09 -0.09 -18.02
C ARG E 45 15.13 -1.07 -17.35
N LEU E 46 15.14 -1.09 -16.01
CA LEU E 46 14.25 -1.95 -15.24
C LEU E 46 12.79 -1.70 -15.60
N ALA E 47 12.07 -2.76 -15.92
CA ALA E 47 10.65 -2.64 -16.27
C ALA E 47 9.85 -2.30 -15.02
N GLU E 48 8.67 -1.70 -15.20
CA GLU E 48 7.76 -1.46 -14.08
C GLU E 48 7.19 -2.75 -13.53
N GLN E 49 6.85 -2.77 -12.25
CA GLN E 49 6.14 -3.90 -11.67
C GLN E 49 4.65 -3.80 -12.00
N VAL E 50 3.98 -4.94 -12.06
CA VAL E 50 2.55 -5.00 -12.37
C VAL E 50 1.74 -4.18 -11.36
N GLY E 51 0.89 -3.28 -11.85
CA GLY E 51 0.09 -2.44 -10.96
C GLY E 51 -1.26 -3.07 -10.71
N GLU E 52 -1.96 -2.60 -9.67
CA GLU E 52 -3.26 -3.19 -9.34
C GLU E 52 -4.31 -2.83 -10.39
N ASP E 53 -3.99 -1.85 -11.24
CA ASP E 53 -4.88 -1.41 -12.33
C ASP E 53 -4.43 -1.92 -13.73
N TRP E 54 -3.46 -2.81 -13.77
CA TRP E 54 -2.94 -3.34 -15.05
C TRP E 54 -3.83 -4.37 -15.74
N GLY E 55 -3.96 -4.23 -17.05
CA GLY E 55 -4.59 -5.26 -17.85
C GLY E 55 -5.47 -4.65 -18.91
N GLU E 56 -6.56 -5.36 -19.22
CA GLU E 56 -7.52 -4.90 -20.20
C GLU E 56 -8.53 -3.93 -19.61
N MET F 1 -26.68 11.38 29.78
CA MET F 1 -26.26 10.60 28.58
C MET F 1 -25.96 9.13 28.90
N VAL F 2 -25.72 8.32 27.89
CA VAL F 2 -25.34 6.92 28.09
C VAL F 2 -23.87 6.77 28.38
N VAL F 3 -23.56 5.75 29.18
CA VAL F 3 -22.18 5.38 29.48
C VAL F 3 -21.89 4.06 28.79
N LEU F 4 -20.95 4.11 27.86
CA LEU F 4 -20.55 2.93 27.09
CA LEU F 4 -20.55 2.94 27.08
C LEU F 4 -19.09 2.62 27.38
N LYS F 5 -18.73 1.35 27.21
CA LYS F 5 -17.34 0.95 27.48
C LYS F 5 -16.48 1.08 26.24
N CYS F 6 -15.28 1.63 26.42
CA CYS F 6 -14.31 1.70 25.33
C CYS F 6 -13.80 0.29 24.97
N PRO F 7 -13.90 -0.09 23.69
CA PRO F 7 -13.47 -1.40 23.22
C PRO F 7 -11.93 -1.50 23.21
N VAL F 8 -11.25 -0.39 23.50
CA VAL F 8 -9.79 -0.34 23.49
C VAL F 8 -9.23 -0.40 24.90
N CYS F 9 -9.65 0.52 25.76
CA CYS F 9 -9.12 0.62 27.11
C CYS F 9 -10.07 0.17 28.24
N ASN F 10 -11.29 -0.25 27.87
CA ASN F 10 -12.28 -0.76 28.84
C ASN F 10 -12.82 0.31 29.80
N GLY F 11 -12.39 1.55 29.62
CA GLY F 11 -12.82 2.67 30.45
C GLY F 11 -14.20 3.19 30.05
N ASP F 12 -14.69 4.15 30.82
CA ASP F 12 -16.05 4.67 30.62
C ASP F 12 -16.08 5.79 29.58
N VAL F 13 -16.99 5.66 28.62
CA VAL F 13 -17.17 6.70 27.60
C VAL F 13 -18.55 7.34 27.71
N ASN F 14 -18.57 8.66 27.84
CA ASN F 14 -19.80 9.41 27.96
C ASN F 14 -20.25 9.89 26.58
N VAL F 15 -21.22 9.17 26.03
CA VAL F 15 -21.72 9.47 24.69
C VAL F 15 -23.00 10.33 24.77
N PRO F 16 -23.00 11.50 24.10
CA PRO F 16 -24.15 12.45 24.18
C PRO F 16 -25.49 11.87 23.66
N ASP F 17 -26.61 12.53 24.01
CA ASP F 17 -27.93 12.11 23.51
C ASP F 17 -28.14 12.53 22.05
N ASP F 18 -27.33 13.49 21.61
CA ASP F 18 -27.21 13.88 20.20
C ASP F 18 -26.93 12.64 19.33
N ALA F 19 -26.08 11.76 19.86
CA ALA F 19 -25.43 10.67 19.13
C ALA F 19 -26.27 9.83 18.19
N LEU F 20 -25.86 9.84 16.93
CA LEU F 20 -26.40 8.95 15.92
C LEU F 20 -25.41 7.81 15.72
N PRO F 21 -25.92 6.60 15.41
CA PRO F 21 -24.99 5.56 14.98
C PRO F 21 -24.19 6.04 13.75
N GLY F 22 -22.88 5.79 13.75
CA GLY F 22 -21.96 6.26 12.69
C GLY F 22 -21.10 7.47 13.05
N GLU F 23 -21.47 8.17 14.12
CA GLU F 23 -20.69 9.30 14.62
C GLU F 23 -19.38 8.85 15.28
N ILE F 24 -18.37 9.69 15.19
CA ILE F 24 -17.05 9.40 15.74
C ILE F 24 -16.90 10.06 17.09
N VAL F 25 -16.27 9.36 18.04
CA VAL F 25 -15.93 9.93 19.34
C VAL F 25 -14.48 9.56 19.69
N GLU F 26 -13.74 10.52 20.21
CA GLU F 26 -12.37 10.26 20.64
C GLU F 26 -12.38 9.89 22.12
N HIS F 27 -11.47 9.03 22.52
CA HIS F 27 -11.35 8.72 23.91
C HIS F 27 -9.98 9.08 24.40
N GLU F 28 -9.87 9.31 25.71
CA GLU F 28 -8.61 9.72 26.37
C GLU F 28 -7.46 8.74 26.19
N CYS F 29 -7.77 7.49 25.87
CA CYS F 29 -6.73 6.47 25.69
C CYS F 29 -5.99 6.65 24.36
N GLY F 30 -6.56 7.46 23.47
CA GLY F 30 -5.94 7.77 22.18
C GLY F 30 -6.70 7.15 21.01
N ALA F 31 -7.77 6.41 21.33
CA ALA F 31 -8.54 5.71 20.32
C ALA F 31 -9.59 6.61 19.71
N GLN F 32 -9.78 6.46 18.40
CA GLN F 32 -10.93 7.00 17.68
C GLN F 32 -11.95 5.85 17.59
N LEU F 33 -13.17 6.12 18.04
CA LEU F 33 -14.23 5.11 18.15
C LEU F 33 -15.40 5.56 17.28
N GLU F 34 -16.23 4.61 16.84
CA GLU F 34 -17.44 4.93 16.07
C GLU F 34 -18.64 4.36 16.80
N VAL F 35 -19.71 5.15 16.90
CA VAL F 35 -20.97 4.66 17.50
C VAL F 35 -21.65 3.69 16.52
N TYR F 36 -22.16 2.57 17.05
CA TYR F 36 -22.95 1.64 16.22
C TYR F 36 -24.09 1.05 17.04
N ASN F 37 -25.08 0.48 16.34
CA ASN F 37 -26.24 -0.14 16.98
C ASN F 37 -26.13 -1.65 16.98
N ASP F 38 -26.24 -2.24 18.14
CA ASP F 38 -26.26 -3.68 18.29
C ASP F 38 -27.61 -3.99 18.93
N HIS F 39 -28.59 -4.32 18.09
CA HIS F 39 -29.97 -4.57 18.52
C HIS F 39 -30.63 -3.40 19.28
N GLY F 40 -30.78 -3.50 20.60
CA GLY F 40 -31.34 -2.40 21.39
C GLY F 40 -30.29 -1.51 22.02
N ARG F 41 -29.02 -1.78 21.69
CA ARG F 41 -27.89 -1.16 22.36
CA ARG F 41 -27.89 -1.15 22.36
C ARG F 41 -27.08 -0.26 21.43
N LEU F 42 -26.64 0.87 21.95
CA LEU F 42 -25.60 1.63 21.28
C LEU F 42 -24.29 1.05 21.80
N ALA F 43 -23.30 0.87 20.94
CA ALA F 43 -21.99 0.38 21.37
C ALA F 43 -20.87 1.12 20.64
N LEU F 44 -19.63 0.86 21.03
CA LEU F 44 -18.51 1.53 20.39
C LEU F 44 -17.55 0.51 19.80
N ARG F 45 -17.11 0.77 18.57
CA ARG F 45 -16.07 0.00 17.88
C ARG F 45 -14.90 0.92 17.47
N LEU F 46 -13.73 0.35 17.24
CA LEU F 46 -12.64 1.14 16.66
C LEU F 46 -13.06 1.76 15.33
N ALA F 47 -12.82 3.06 15.19
CA ALA F 47 -13.12 3.77 13.94
C ALA F 47 -12.17 3.37 12.82
N GLU F 48 -12.62 3.55 11.58
CA GLU F 48 -11.78 3.37 10.40
C GLU F 48 -10.71 4.45 10.33
N GLN F 49 -9.55 4.09 9.79
CA GLN F 49 -8.50 5.07 9.55
C GLN F 49 -8.75 5.76 8.21
N VAL F 50 -8.22 6.97 8.07
CA VAL F 50 -8.46 7.78 6.88
C VAL F 50 -7.90 7.07 5.64
N GLY F 51 -8.75 6.90 4.63
CA GLY F 51 -8.35 6.29 3.36
C GLY F 51 -7.87 7.36 2.38
N GLU F 52 -7.18 6.91 1.32
CA GLU F 52 -6.63 7.83 0.34
C GLU F 52 -7.71 8.51 -0.48
N ASP F 53 -8.92 7.95 -0.46
CA ASP F 53 -10.09 8.51 -1.18
C ASP F 53 -11.09 9.26 -0.27
N TRP F 54 -10.71 9.50 0.98
CA TRP F 54 -11.61 10.17 1.91
C TRP F 54 -11.69 11.68 1.70
N GLY F 55 -12.91 12.20 1.82
CA GLY F 55 -13.14 13.66 1.79
C GLY F 55 -14.37 14.06 1.03
N GLU F 56 -14.31 15.24 0.40
CA GLU F 56 -15.39 15.75 -0.42
C GLU F 56 -15.33 15.20 -1.84
#